data_9DYD
#
_entry.id   9DYD
#
loop_
_entity.id
_entity.type
_entity.pdbx_description
1 polymer 'Guanine nucleotide-binding protein G(o) subunit alpha'
2 polymer 'Guanine nucleotide-binding protein G(I)/G(S)/G(T) subunit beta-1'
3 polymer 'Guanine nucleotide-binding protein G(I)/G(S)/G(O) subunit gamma-2'
4 polymer 'Soluble cytochrome b562,5-hydroxytryptamine receptor 1A'
5 non-polymer (3aS,12bR)-asenapine
6 non-polymer CHOLESTEROL
7 non-polymer '[(2R)-1-[oxidanyl-[(2R,3R,5S,6R)-2,3,5,6-tetrakis(oxidanyl)-4-phosphonooxy-cyclohexyl]oxy-phosphoryl]oxy-3-tetradecanoyloxy-propan-2-yl] (5E,8E)-hexadeca-5,8,11,14-tetraenoate'
#
loop_
_entity_poly.entity_id
_entity_poly.type
_entity_poly.pdbx_seq_one_letter_code
_entity_poly.pdbx_strand_id
1 'polypeptide(L)'
;MGCTLSAEERAALERSKAIEKNLKEDGISAAKDVKLLLLGAGESGKSTIVKQMKIIHEDGFSGEDVKQYKPVVYSNTIQS
LAAIVRAMDTLGIEYGDKERKADAKMVCDVVSRMEDTEPFSAELLSAMMRLWGDSGIQECFNRSREYQLNDSAKYYLDSL
DRIGAADYQPTEQDILRTRVKTTGIVETHFTFKNLHFRLFDVGGQRSERKKWIHCFEDVTAIIFCVALSGYDQVLHEDET
TNRMHESLMLFDSICNNKFFIDTSIILFLNKKDLFGEKIKKSPLTICFPEYTGPNTYEDAAAYIQAQFESKNRSPNKEIY
CHMTCATDTNNIQVVFDAVTDIIIANNLRGCGLY
;
A
2 'polypeptide(L)'
;MHHHHHHLEVLFQGPGSSGSELDQLRQEAEQLKNQIRDARKACADATLSQITNNIDPVGRIQMRTRRTLRGHLAKIYAMH
WGTDSRLLVSASQDGKLIIWDSYTTNKVHAIPLRSSWVMTCAYAPSGNYVACGGLDNICSIYNLKTREGNVRVSRELAGH
TGYLSCCRFLDDNQIVTSSGDTTCALWDIETGQQTTTFTGHTGDVMSLSLAPDTRLFVSGACDASAKLWDVREGMCRQTF
TGHESDINAICFFPNGNAFATGSDDATCRLFDLRADQELMTYSHDNIICGITSVSFSKSGRLLLAGYDDFNCNVWDALKA
DRAGVLAGHDNRVSCLGVTDDGMAVATGSWDSFLKIWN
;
B
3 'polypeptide(L)' MASNNTASIAQARKLVEQLKMEANIDRIKVSKAAADLMAYCEAHAKEDPLLTPVPASENPFREKKFFCAILGSAGSAGSA G
4 'polypeptide(L)'
;MKTIIALSYIFCLVFADYKDDDDAKLQTMHHHHHHHHHHENLYFQGGTTADLEDNWETLNDNLKVIEKADNAAQVKDALT
KMRAAALDAQKATPPKLEDKSPDSPEMKDFRHGFDILVGQIDDALKLANEGKVKEAQAAAEQLKTTRNAYIQKYLTGISD
VTVSYQVITSLLLGTLIFCAVLGNACVVAAIALERSLQNVANYLIGSLAVTDLMVSVLVLPMAALYQVLNKWTLGQVTCD
LFIALDVLCCTSSIWHLCAIALDRYWAITDPIDYVNKRTPRRAAALISLTWLIGFLISIPPMLGWRTPEDRSDPDACTIS
KDHGYTIYSTFGAFYIPLLLMLVLYGRIFRAARFRIRKTVKKVEKTGADTRHGASPAPQPKKSVNGESGSRNWRLGVESK
AGGALCANGAVRQGDDGAALEVIEVHRVGNSKEHLPLPSEAGPTPCAPASFERKNERNAEAKRKMALARERKTVKTLGII
MGTFILCWLPFFIVALVLPFCESSCHMPTLLGAIINWLGYSNSLLNPVIYAYFNKDFQNAFKKIIKCKFCRQ
;
R
#
loop_
_chem_comp.id
_chem_comp.type
_chem_comp.name
_chem_comp.formula
A1BIR non-polymer (3aS,12bR)-asenapine 'C17 H16 Cl N O'
CLR non-polymer CHOLESTEROL 'C27 H46 O'
J40 non-polymer '[(2R)-1-[oxidanyl-[(2R,3R,5S,6R)-2,3,5,6-tetrakis(oxidanyl)-4-phosphonooxy-cyclohexyl]oxy-phosphoryl]oxy-3-tetradecanoyloxy-propan-2-yl] (5E,8E)-hexadeca-5,8,11,14-tetraenoate' 'C39 H68 O16 P2'
#
# COMPACT_ATOMS: atom_id res chain seq x y z
N THR A 4 29.20 -23.96 0.33
CA THR A 4 29.50 -24.40 1.71
C THR A 4 29.56 -23.19 2.64
N LEU A 5 29.09 -23.36 3.89
CA LEU A 5 29.00 -22.25 4.87
C LEU A 5 29.91 -22.54 6.06
N SER A 6 30.61 -21.52 6.54
CA SER A 6 31.43 -21.64 7.77
C SER A 6 30.53 -21.61 9.01
N ALA A 7 31.10 -21.92 10.18
CA ALA A 7 30.34 -21.90 11.45
C ALA A 7 29.62 -20.56 11.62
N GLU A 8 30.35 -19.45 11.46
CA GLU A 8 29.80 -18.09 11.71
C GLU A 8 28.66 -17.81 10.73
N GLU A 9 28.87 -18.12 9.46
CA GLU A 9 27.84 -17.86 8.40
C GLU A 9 26.57 -18.65 8.72
N ARG A 10 26.73 -19.87 9.26
CA ARG A 10 25.56 -20.73 9.57
C ARG A 10 24.78 -20.10 10.72
N ALA A 11 25.47 -19.65 11.78
CA ALA A 11 24.81 -19.01 12.93
C ALA A 11 24.09 -17.73 12.49
N ALA A 12 24.65 -17.01 11.52
CA ALA A 12 24.00 -15.80 10.95
C ALA A 12 22.65 -16.19 10.34
N LEU A 13 22.62 -17.26 9.53
CA LEU A 13 21.36 -17.71 8.91
C LEU A 13 20.35 -18.13 9.98
N GLU A 14 20.83 -18.76 11.06
CA GLU A 14 19.92 -19.21 12.16
C GLU A 14 19.27 -17.99 12.81
N ARG A 15 20.05 -16.97 13.13
CA ARG A 15 19.52 -15.71 13.70
C ARG A 15 18.47 -15.12 12.76
N SER A 16 18.79 -15.01 11.47
CA SER A 16 17.85 -14.47 10.45
C SER A 16 16.51 -15.21 10.53
N LYS A 17 16.54 -16.54 10.65
CA LYS A 17 15.30 -17.35 10.54
C LYS A 17 14.42 -17.16 11.78
N ALA A 18 15.03 -17.06 12.97
CA ALA A 18 14.26 -16.79 14.21
C ALA A 18 13.53 -15.45 14.08
N ILE A 19 14.26 -14.41 13.68
CA ILE A 19 13.68 -13.05 13.45
C ILE A 19 12.51 -13.17 12.46
N GLU A 20 12.72 -13.85 11.33
CA GLU A 20 11.68 -13.95 10.27
C GLU A 20 10.43 -14.62 10.83
N LYS A 21 10.60 -15.64 11.69
CA LYS A 21 9.44 -16.34 12.30
C LYS A 21 8.62 -15.35 13.13
N ASN A 22 9.28 -14.62 14.04
CA ASN A 22 8.58 -13.61 14.89
C ASN A 22 7.88 -12.58 14.00
N LEU A 23 8.57 -12.06 12.98
CA LEU A 23 8.00 -11.01 12.10
C LEU A 23 6.67 -11.49 11.50
N LYS A 24 6.57 -12.78 11.15
CA LYS A 24 5.34 -13.34 10.56
C LYS A 24 4.25 -13.44 11.62
N GLU A 25 4.55 -14.07 12.76
CA GLU A 25 3.56 -14.27 13.85
C GLU A 25 2.93 -12.93 14.25
N ASP A 26 3.73 -11.85 14.28
CA ASP A 26 3.23 -10.52 14.72
C ASP A 26 2.34 -9.91 13.64
N GLY A 27 2.59 -10.23 12.37
CA GLY A 27 1.78 -9.72 11.26
C GLY A 27 0.40 -10.36 11.20
N ILE A 28 0.32 -11.66 11.52
CA ILE A 28 -0.98 -12.38 11.58
C ILE A 28 -1.87 -11.72 12.64
N SER A 29 -1.32 -11.47 13.84
CA SER A 29 -2.12 -11.02 15.00
C SER A 29 -2.30 -9.49 14.99
N ALA A 30 -1.94 -8.83 13.88
CA ALA A 30 -2.13 -7.38 13.75
C ALA A 30 -2.96 -7.06 12.51
N ALA A 31 -3.47 -8.10 11.85
CA ALA A 31 -4.43 -7.94 10.72
C ALA A 31 -5.83 -8.32 11.19
N LYS A 32 -6.01 -8.45 12.51
CA LYS A 32 -7.30 -8.87 13.10
C LYS A 32 -7.84 -7.74 14.01
N ASP A 33 -7.29 -6.53 13.82
CA ASP A 33 -7.74 -5.33 14.57
C ASP A 33 -8.41 -4.36 13.59
N VAL A 34 -9.52 -3.76 14.01
CA VAL A 34 -10.24 -2.76 13.16
C VAL A 34 -9.75 -1.38 13.55
N LYS A 35 -9.03 -0.70 12.64
CA LYS A 35 -8.35 0.57 12.95
C LYS A 35 -9.25 1.74 12.53
N LEU A 36 -9.54 2.65 13.46
CA LEU A 36 -10.50 3.76 13.23
C LEU A 36 -9.82 5.11 13.51
N LEU A 37 -10.10 6.14 12.72
CA LEU A 37 -9.47 7.47 12.92
C LEU A 37 -10.47 8.43 13.58
N LEU A 38 -10.15 8.92 14.78
CA LEU A 38 -11.04 9.91 15.46
C LEU A 38 -10.67 11.32 15.01
N LEU A 39 -11.63 12.04 14.42
CA LEU A 39 -11.38 13.39 13.97
C LEU A 39 -12.39 14.34 14.62
N GLY A 40 -12.38 15.61 14.19
CA GLY A 40 -13.32 16.60 14.67
C GLY A 40 -12.62 17.78 15.31
N ALA A 41 -13.44 18.73 15.75
CA ALA A 41 -12.94 19.92 16.41
C ALA A 41 -12.50 19.61 17.84
N GLY A 42 -11.76 20.54 18.43
CA GLY A 42 -11.21 20.35 19.75
C GLY A 42 -12.24 20.03 20.82
N GLU A 43 -13.10 21.00 21.13
CA GLU A 43 -14.13 20.80 22.16
C GLU A 43 -15.46 20.41 21.52
N SER A 44 -15.41 19.34 20.72
CA SER A 44 -16.60 18.89 19.95
C SER A 44 -17.33 17.77 20.70
N GLY A 45 -16.65 17.14 21.66
CA GLY A 45 -17.15 15.89 22.28
C GLY A 45 -16.36 14.68 21.83
N LYS A 46 -15.14 14.89 21.33
CA LYS A 46 -14.17 13.77 21.13
C LYS A 46 -13.89 13.12 22.50
N SER A 47 -13.63 13.96 23.51
CA SER A 47 -13.39 13.49 24.90
C SER A 47 -14.47 12.48 25.31
N THR A 48 -15.74 12.84 25.18
CA THR A 48 -16.86 11.98 25.66
C THR A 48 -16.80 10.61 24.97
N ILE A 49 -16.53 10.60 23.65
CA ILE A 49 -16.46 9.33 22.86
C ILE A 49 -15.26 8.50 23.36
N VAL A 50 -14.09 9.14 23.54
CA VAL A 50 -12.89 8.45 24.11
C VAL A 50 -13.29 7.80 25.44
N LYS A 51 -13.94 8.55 26.33
CA LYS A 51 -14.32 8.04 27.68
C LYS A 51 -15.23 6.81 27.51
N GLN A 52 -16.21 6.90 26.62
CA GLN A 52 -17.15 5.77 26.37
C GLN A 52 -16.36 4.54 25.93
N MET A 53 -15.30 4.72 25.13
CA MET A 53 -14.50 3.56 24.64
C MET A 53 -13.58 3.04 25.74
N LYS A 54 -13.52 3.71 26.90
CA LYS A 54 -12.63 3.24 27.96
C LYS A 54 -13.29 3.33 29.33
N THR A 183 2.06 12.79 23.74
CA THR A 183 1.65 14.19 23.47
C THR A 183 0.99 14.27 22.09
N GLY A 184 1.53 13.54 21.10
CA GLY A 184 1.07 13.63 19.71
C GLY A 184 -0.19 12.80 19.48
N ILE A 185 -0.03 11.49 19.25
CA ILE A 185 -1.19 10.61 18.96
C ILE A 185 -1.47 9.72 20.19
N VAL A 186 -2.75 9.59 20.54
CA VAL A 186 -3.18 8.73 21.69
C VAL A 186 -3.99 7.56 21.14
N GLU A 187 -3.61 6.33 21.48
CA GLU A 187 -4.28 5.12 20.96
C GLU A 187 -5.09 4.44 22.07
N THR A 188 -6.41 4.28 21.85
CA THR A 188 -7.30 3.56 22.80
C THR A 188 -7.82 2.29 22.13
N HIS A 189 -7.41 1.13 22.65
CA HIS A 189 -7.83 -0.18 22.06
C HIS A 189 -8.81 -0.88 23.00
N PHE A 190 -9.85 -1.51 22.43
CA PHE A 190 -10.85 -2.18 23.26
C PHE A 190 -11.43 -3.35 22.47
N THR A 191 -12.01 -4.29 23.19
CA THR A 191 -12.65 -5.46 22.59
C THR A 191 -14.14 -5.40 22.85
N PHE A 192 -14.93 -5.56 21.78
CA PHE A 192 -16.38 -5.50 21.87
C PHE A 192 -16.97 -6.56 20.96
N LYS A 193 -17.64 -7.55 21.56
CA LYS A 193 -18.30 -8.65 20.79
C LYS A 193 -17.29 -9.39 19.91
N ASN A 194 -16.26 -10.00 20.51
CA ASN A 194 -15.25 -10.81 19.77
C ASN A 194 -14.66 -10.03 18.58
N LEU A 195 -14.57 -8.71 18.67
CA LEU A 195 -13.91 -7.90 17.60
C LEU A 195 -13.00 -6.86 18.25
N HIS A 196 -11.70 -6.89 17.95
CA HIS A 196 -10.74 -5.97 18.60
C HIS A 196 -10.63 -4.67 17.81
N PHE A 197 -10.86 -3.54 18.46
CA PHE A 197 -10.82 -2.20 17.80
C PHE A 197 -9.59 -1.42 18.28
N ARG A 198 -9.08 -0.52 17.44
CA ARG A 198 -8.03 0.45 17.84
C ARG A 198 -8.41 1.84 17.32
N LEU A 199 -8.51 2.83 18.21
CA LEU A 199 -9.02 4.17 17.85
C LEU A 199 -7.91 5.21 18.06
N PHE A 200 -7.41 5.79 16.96
CA PHE A 200 -6.27 6.74 17.00
C PHE A 200 -6.79 8.18 17.04
N ASP A 201 -6.46 8.90 18.10
CA ASP A 201 -6.84 10.33 18.30
C ASP A 201 -5.64 11.22 17.93
N VAL A 202 -5.86 12.19 17.03
CA VAL A 202 -4.73 13.07 16.56
C VAL A 202 -5.04 14.53 16.90
N GLY A 203 -5.85 14.78 17.94
CA GLY A 203 -6.15 16.14 18.33
C GLY A 203 -4.93 16.90 18.83
N GLY A 204 -3.93 16.19 19.35
CA GLY A 204 -2.73 16.81 19.84
C GLY A 204 -1.69 17.14 18.78
N GLN A 205 -1.97 16.83 17.52
CA GLN A 205 -1.03 17.11 16.43
C GLN A 205 -1.43 18.43 15.77
N ARG A 206 -0.88 19.51 16.29
CA ARG A 206 -1.09 20.85 15.74
C ARG A 206 -0.03 21.10 14.68
N SER A 207 -0.38 20.79 13.44
CA SER A 207 0.51 20.94 12.30
C SER A 207 -0.34 20.88 11.04
N GLU A 208 0.30 20.95 9.88
CA GLU A 208 -0.42 20.81 8.62
C GLU A 208 -0.97 19.40 8.49
N ARG A 209 -2.28 19.29 8.25
CA ARG A 209 -2.91 17.96 8.17
C ARG A 209 -2.31 17.17 7.02
N LYS A 210 -2.04 17.83 5.88
CA LYS A 210 -1.57 17.10 4.66
C LYS A 210 -0.45 16.12 5.00
N LYS A 211 0.51 16.55 5.81
CA LYS A 211 1.84 15.90 5.94
C LYS A 211 1.78 14.66 6.84
N TRP A 212 0.63 14.38 7.47
CA TRP A 212 0.51 13.14 8.28
C TRP A 212 -0.83 12.44 7.99
N ILE A 213 -1.59 12.85 6.97
CA ILE A 213 -2.95 12.31 6.67
C ILE A 213 -2.77 11.07 5.78
N HIS A 214 -1.66 10.96 5.04
CA HIS A 214 -1.39 9.78 4.16
C HIS A 214 -1.09 8.54 5.01
N CYS A 215 -0.66 8.75 6.25
CA CYS A 215 -0.26 7.62 7.15
C CYS A 215 -1.49 6.80 7.54
N PHE A 216 -2.67 7.41 7.47
CA PHE A 216 -3.93 6.77 7.96
C PHE A 216 -4.80 6.37 6.76
N GLU A 217 -4.18 5.97 5.66
CA GLU A 217 -4.92 5.64 4.40
C GLU A 217 -5.66 4.31 4.58
N ASP A 218 -5.17 3.46 5.49
CA ASP A 218 -5.62 2.04 5.59
C ASP A 218 -6.76 1.90 6.62
N VAL A 219 -7.20 2.99 7.24
CA VAL A 219 -8.20 2.92 8.34
C VAL A 219 -9.53 2.38 7.78
N THR A 220 -10.28 1.64 8.60
CA THR A 220 -11.55 1.00 8.16
C THR A 220 -12.64 2.07 8.07
N ALA A 221 -12.69 2.98 9.04
CA ALA A 221 -13.69 4.07 9.04
C ALA A 221 -13.12 5.32 9.72
N ILE A 222 -13.82 6.46 9.60
CA ILE A 222 -13.43 7.70 10.33
C ILE A 222 -14.57 8.09 11.27
N ILE A 223 -14.29 8.21 12.57
CA ILE A 223 -15.34 8.67 13.53
C ILE A 223 -15.23 10.20 13.66
N PHE A 224 -16.29 10.92 13.31
CA PHE A 224 -16.26 12.41 13.35
C PHE A 224 -17.20 12.92 14.44
N CYS A 225 -16.71 13.79 15.32
CA CYS A 225 -17.53 14.34 16.43
C CYS A 225 -17.91 15.79 16.14
N VAL A 226 -19.21 16.12 16.24
CA VAL A 226 -19.69 17.50 15.96
C VAL A 226 -20.50 18.00 17.16
N ALA A 227 -20.22 19.22 17.65
CA ALA A 227 -20.99 19.79 18.76
C ALA A 227 -22.20 20.55 18.20
N LEU A 228 -23.39 19.94 18.23
CA LEU A 228 -24.60 20.58 17.74
C LEU A 228 -24.84 21.93 18.44
N SER A 229 -24.60 21.99 19.74
CA SER A 229 -24.88 23.20 20.51
C SER A 229 -23.85 24.30 20.32
N GLY A 230 -22.73 24.01 19.66
CA GLY A 230 -21.68 24.99 19.47
C GLY A 230 -21.88 25.94 18.31
N TYR A 231 -22.95 25.80 17.55
CA TYR A 231 -23.17 26.69 16.41
C TYR A 231 -23.38 28.13 16.87
N ASP A 232 -24.14 28.33 17.95
CA ASP A 232 -24.36 29.69 18.45
C ASP A 232 -23.08 30.30 18.98
N GLN A 233 -22.29 29.53 19.72
CA GLN A 233 -21.03 30.04 20.24
C GLN A 233 -20.04 30.27 19.10
N ASN A 242 -18.56 31.10 13.13
CA ASN A 242 -19.34 30.04 13.80
C ASN A 242 -18.49 28.78 13.93
N ARG A 243 -18.52 28.14 15.11
CA ARG A 243 -17.78 26.87 15.34
C ARG A 243 -18.31 25.77 14.40
N MET A 244 -19.63 25.73 14.20
CA MET A 244 -20.24 24.69 13.33
C MET A 244 -19.68 24.85 11.90
N HIS A 245 -19.54 26.08 11.43
CA HIS A 245 -19.02 26.33 10.05
C HIS A 245 -17.61 25.75 9.93
N GLU A 246 -16.79 25.90 10.98
CA GLU A 246 -15.42 25.31 10.98
C GLU A 246 -15.53 23.79 10.82
N SER A 247 -16.43 23.16 11.58
CA SER A 247 -16.61 21.69 11.53
C SER A 247 -17.05 21.27 10.13
N LEU A 248 -18.00 22.00 9.53
CA LEU A 248 -18.51 21.67 8.17
C LEU A 248 -17.33 21.66 7.19
N MET A 249 -16.39 22.58 7.36
CA MET A 249 -15.24 22.71 6.41
C MET A 249 -14.30 21.52 6.57
N LEU A 250 -13.90 21.21 7.81
CA LEU A 250 -13.02 20.04 8.06
C LEU A 250 -13.67 18.80 7.44
N PHE A 251 -14.99 18.64 7.58
CA PHE A 251 -15.70 17.44 7.08
C PHE A 251 -15.53 17.37 5.56
N ASP A 252 -15.84 18.47 4.86
CA ASP A 252 -15.71 18.52 3.38
C ASP A 252 -14.32 18.04 2.97
N SER A 253 -13.27 18.56 3.62
CA SER A 253 -11.87 18.25 3.27
C SER A 253 -11.62 16.75 3.34
N ILE A 254 -12.00 16.10 4.46
CA ILE A 254 -11.63 14.68 4.72
C ILE A 254 -12.51 13.75 3.88
N CYS A 255 -13.64 14.24 3.36
CA CYS A 255 -14.46 13.47 2.39
C CYS A 255 -13.75 13.41 1.04
N ASN A 256 -13.04 14.48 0.67
CA ASN A 256 -12.61 14.69 -0.73
C ASN A 256 -11.11 14.39 -0.90
N ASN A 257 -10.40 14.08 0.19
CA ASN A 257 -8.96 13.74 0.08
C ASN A 257 -8.78 12.49 -0.79
N LYS A 258 -7.78 12.51 -1.68
CA LYS A 258 -7.48 11.38 -2.55
C LYS A 258 -7.24 10.10 -1.76
N PHE A 259 -6.79 10.21 -0.50
CA PHE A 259 -6.57 9.04 0.34
C PHE A 259 -7.83 8.53 1.02
N PHE A 260 -8.88 9.33 1.08
CA PHE A 260 -10.10 8.98 1.80
C PHE A 260 -11.33 9.08 0.90
N ILE A 261 -11.18 8.68 -0.37
CA ILE A 261 -12.31 8.75 -1.29
C ILE A 261 -13.41 7.79 -0.87
N ASP A 262 -13.04 6.57 -0.45
CA ASP A 262 -14.07 5.53 -0.18
C ASP A 262 -14.18 5.20 1.32
N THR A 263 -13.21 5.62 2.13
CA THR A 263 -13.29 5.39 3.57
C THR A 263 -14.57 5.98 4.14
N SER A 264 -15.46 5.11 4.65
CA SER A 264 -16.76 5.57 5.19
C SER A 264 -16.57 6.40 6.46
N ILE A 265 -17.52 7.29 6.77
CA ILE A 265 -17.43 8.17 7.96
C ILE A 265 -18.62 7.86 8.89
N ILE A 266 -18.34 7.69 10.19
CA ILE A 266 -19.41 7.52 11.21
C ILE A 266 -19.55 8.84 11.98
N LEU A 267 -20.58 9.62 11.68
CA LEU A 267 -20.76 10.97 12.26
C LEU A 267 -21.50 10.86 13.60
N PHE A 268 -21.04 11.57 14.63
CA PHE A 268 -21.65 11.50 15.98
C PHE A 268 -22.01 12.91 16.46
N LEU A 269 -23.25 13.33 16.23
CA LEU A 269 -23.73 14.70 16.56
C LEU A 269 -24.01 14.78 18.06
N ASN A 270 -23.10 15.41 18.81
CA ASN A 270 -23.13 15.45 20.26
C ASN A 270 -24.05 16.55 20.77
N LYS A 271 -24.23 16.59 22.09
CA LYS A 271 -24.93 17.68 22.76
C LYS A 271 -26.32 17.92 22.17
N LYS A 272 -27.05 16.82 21.96
CA LYS A 272 -28.39 16.87 21.32
C LYS A 272 -29.39 17.54 22.28
N ASP A 273 -29.35 17.16 23.56
CA ASP A 273 -30.26 17.74 24.59
C ASP A 273 -29.96 19.24 24.75
N LEU A 274 -28.66 19.61 24.81
CA LEU A 274 -28.28 21.03 25.06
C LEU A 274 -28.69 21.89 23.85
N PHE A 275 -28.52 21.37 22.65
CA PHE A 275 -29.07 21.98 21.41
C PHE A 275 -30.57 22.20 21.60
N GLY A 276 -31.29 21.15 22.00
CA GLY A 276 -32.76 21.12 22.00
C GLY A 276 -33.37 22.22 22.87
N GLU A 277 -32.72 22.56 23.98
CA GLU A 277 -33.31 23.52 24.94
C GLU A 277 -33.00 24.96 24.51
N LYS A 278 -31.92 25.15 23.75
CA LYS A 278 -31.39 26.52 23.49
C LYS A 278 -31.94 27.06 22.17
N ILE A 279 -32.29 26.18 21.23
CA ILE A 279 -32.91 26.62 19.94
C ILE A 279 -34.25 27.30 20.24
N LYS A 280 -34.94 26.88 21.30
CA LYS A 280 -36.19 27.52 21.77
C LYS A 280 -35.99 29.03 21.85
N LYS A 281 -34.91 29.47 22.50
CA LYS A 281 -34.64 30.92 22.71
C LYS A 281 -33.88 31.46 21.50
N SER A 282 -32.59 31.14 21.39
CA SER A 282 -31.73 31.63 20.28
C SER A 282 -31.95 30.75 19.05
N PRO A 283 -32.39 31.32 17.89
CA PRO A 283 -32.87 30.52 16.75
C PRO A 283 -31.75 29.81 15.96
N LEU A 284 -32.11 29.20 14.84
CA LEU A 284 -31.10 28.52 13.98
C LEU A 284 -30.76 29.43 12.79
N THR A 285 -31.67 30.34 12.40
CA THR A 285 -31.42 31.17 11.19
C THR A 285 -30.13 31.97 11.33
N ILE A 286 -29.67 32.21 12.57
CA ILE A 286 -28.43 33.01 12.81
C ILE A 286 -27.23 32.30 12.16
N CYS A 287 -27.13 30.97 12.31
CA CYS A 287 -26.02 30.20 11.72
C CYS A 287 -26.25 29.99 10.22
N PHE A 288 -27.47 29.60 9.84
CA PHE A 288 -27.80 29.37 8.41
C PHE A 288 -28.98 30.26 8.01
N PRO A 289 -28.76 31.36 7.27
CA PRO A 289 -29.86 32.23 6.81
C PRO A 289 -30.81 31.49 5.86
N GLU A 290 -30.31 30.52 5.10
CA GLU A 290 -31.14 29.77 4.12
C GLU A 290 -32.24 29.00 4.86
N TYR A 291 -31.99 28.54 6.09
CA TYR A 291 -33.00 27.75 6.83
C TYR A 291 -34.37 28.43 6.72
N THR A 292 -35.31 27.77 6.03
CA THR A 292 -36.68 28.33 5.81
C THR A 292 -37.70 27.53 6.64
N GLY A 293 -37.21 26.63 7.50
CA GLY A 293 -38.09 25.73 8.27
C GLY A 293 -38.36 26.23 9.68
N PRO A 294 -39.24 25.57 10.46
CA PRO A 294 -39.56 26.02 11.82
C PRO A 294 -38.51 25.62 12.85
N ASN A 295 -38.46 26.32 13.98
CA ASN A 295 -37.44 26.07 15.03
C ASN A 295 -37.95 24.99 16.00
N THR A 296 -38.05 23.75 15.51
CA THR A 296 -38.42 22.59 16.37
C THR A 296 -37.26 21.58 16.37
N TYR A 297 -37.06 20.88 17.50
CA TYR A 297 -35.87 20.01 17.68
C TYR A 297 -35.69 19.10 16.48
N GLU A 298 -36.67 18.23 16.23
CA GLU A 298 -36.58 17.20 15.17
C GLU A 298 -36.15 17.87 13.86
N ASP A 299 -36.88 18.89 13.42
CA ASP A 299 -36.68 19.50 12.09
C ASP A 299 -35.30 20.17 12.03
N ALA A 300 -34.90 20.88 13.09
CA ALA A 300 -33.62 21.63 13.09
C ALA A 300 -32.44 20.64 13.02
N ALA A 301 -32.45 19.62 13.88
CA ALA A 301 -31.36 18.61 13.92
C ALA A 301 -31.26 17.91 12.56
N ALA A 302 -32.41 17.57 11.97
CA ALA A 302 -32.44 16.85 10.68
C ALA A 302 -31.89 17.74 9.56
N TYR A 303 -32.13 19.05 9.65
CA TYR A 303 -31.57 20.01 8.67
C TYR A 303 -30.04 19.93 8.70
N ILE A 304 -29.46 20.06 9.90
CA ILE A 304 -27.98 20.05 10.08
C ILE A 304 -27.42 18.72 9.55
N GLN A 305 -28.17 17.62 9.73
CA GLN A 305 -27.70 16.29 9.28
C GLN A 305 -27.74 16.20 7.74
N ALA A 306 -28.88 16.52 7.11
CA ALA A 306 -28.94 16.51 5.62
C ALA A 306 -27.83 17.41 5.06
N GLN A 307 -27.62 18.58 5.66
CA GLN A 307 -26.57 19.53 5.19
C GLN A 307 -25.20 18.84 5.29
N PHE A 308 -24.95 18.12 6.40
CA PHE A 308 -23.67 17.39 6.56
C PHE A 308 -23.51 16.29 5.51
N GLU A 309 -24.59 15.53 5.24
CA GLU A 309 -24.48 14.38 4.29
C GLU A 309 -24.30 14.88 2.85
N SER A 310 -24.51 16.16 2.59
CA SER A 310 -24.46 16.69 1.19
C SER A 310 -23.02 16.77 0.68
N LYS A 311 -22.03 16.89 1.58
CA LYS A 311 -20.61 17.04 1.17
C LYS A 311 -20.10 15.76 0.50
N ASN A 312 -20.67 14.59 0.84
CA ASN A 312 -20.27 13.33 0.18
C ASN A 312 -20.64 13.41 -1.31
N ARG A 313 -19.63 13.28 -2.18
CA ARG A 313 -19.86 13.33 -3.65
C ARG A 313 -19.19 12.11 -4.29
N SER A 314 -19.28 10.93 -3.66
CA SER A 314 -18.59 9.73 -4.17
C SER A 314 -19.32 8.46 -3.76
N PRO A 315 -19.53 7.42 -4.64
CA PRO A 315 -20.14 6.18 -4.18
C PRO A 315 -19.16 5.32 -3.39
N ASN A 316 -19.57 4.10 -3.01
CA ASN A 316 -18.72 3.18 -2.20
C ASN A 316 -18.28 3.90 -0.92
N LYS A 317 -19.03 4.91 -0.50
CA LYS A 317 -18.73 5.70 0.74
C LYS A 317 -20.05 6.14 1.36
N GLU A 318 -20.36 5.64 2.57
CA GLU A 318 -21.61 6.00 3.27
C GLU A 318 -21.29 6.80 4.53
N ILE A 319 -22.22 7.67 4.96
CA ILE A 319 -22.05 8.45 6.22
C ILE A 319 -23.05 7.92 7.26
N TYR A 320 -22.57 7.53 8.45
CA TYR A 320 -23.47 6.95 9.47
C TYR A 320 -23.68 7.98 10.61
N CYS A 321 -24.69 8.84 10.48
CA CYS A 321 -24.95 9.89 11.49
C CYS A 321 -25.69 9.30 12.70
N HIS A 322 -25.38 9.73 13.92
CA HIS A 322 -26.10 9.26 15.13
C HIS A 322 -26.03 10.31 16.24
N MET A 323 -27.17 10.63 16.86
CA MET A 323 -27.22 11.62 17.97
C MET A 323 -26.84 10.90 19.27
N THR A 324 -25.76 11.33 19.93
CA THR A 324 -25.08 10.47 20.94
C THR A 324 -26.01 10.22 22.14
N CYS A 325 -26.24 8.95 22.44
CA CYS A 325 -27.28 8.51 23.42
C CYS A 325 -26.65 8.35 24.81
N ALA A 326 -26.60 9.44 25.58
CA ALA A 326 -26.28 9.40 27.03
C ALA A 326 -24.97 8.64 27.25
N THR A 327 -24.95 7.79 28.28
CA THR A 327 -23.71 7.06 28.69
C THR A 327 -23.93 5.54 28.53
N ASP A 328 -24.90 5.16 27.70
CA ASP A 328 -25.23 3.73 27.48
C ASP A 328 -24.19 3.10 26.53
N THR A 329 -24.27 1.78 26.36
CA THR A 329 -23.37 1.05 25.42
C THR A 329 -23.97 1.12 24.00
N ASN A 330 -24.95 2.00 23.80
CA ASN A 330 -25.56 2.21 22.46
C ASN A 330 -24.52 2.87 21.54
N ASN A 331 -23.69 3.77 22.08
CA ASN A 331 -22.69 4.48 21.24
C ASN A 331 -21.73 3.48 20.60
N ILE A 332 -21.21 2.53 21.37
CA ILE A 332 -20.23 1.53 20.84
C ILE A 332 -20.97 0.59 19.88
N GLN A 333 -22.26 0.35 20.10
CA GLN A 333 -23.07 -0.51 19.20
C GLN A 333 -23.15 0.15 17.82
N VAL A 334 -23.26 1.48 17.76
CA VAL A 334 -23.35 2.19 16.45
C VAL A 334 -22.04 1.98 15.68
N VAL A 335 -20.90 2.05 16.36
CA VAL A 335 -19.57 1.79 15.71
C VAL A 335 -19.53 0.34 15.23
N PHE A 336 -19.99 -0.61 16.07
CA PHE A 336 -19.91 -2.05 15.75
C PHE A 336 -20.74 -2.35 14.49
N ASP A 337 -22.02 -1.94 14.49
CA ASP A 337 -22.94 -2.21 13.36
C ASP A 337 -22.37 -1.59 12.07
N ALA A 338 -21.87 -0.35 12.15
CA ALA A 338 -21.28 0.33 10.97
C ALA A 338 -20.08 -0.48 10.45
N VAL A 339 -19.17 -0.89 11.33
CA VAL A 339 -17.97 -1.67 10.91
C VAL A 339 -18.41 -2.99 10.26
N THR A 340 -19.37 -3.71 10.86
CA THR A 340 -19.80 -5.01 10.29
C THR A 340 -20.46 -4.79 8.92
N ASP A 341 -21.11 -3.63 8.72
CA ASP A 341 -21.78 -3.34 7.42
C ASP A 341 -20.73 -3.05 6.34
N ILE A 342 -19.62 -2.41 6.70
CA ILE A 342 -18.60 -2.05 5.67
C ILE A 342 -17.71 -3.26 5.37
N ILE A 343 -17.62 -4.22 6.28
CA ILE A 343 -16.92 -5.51 5.98
C ILE A 343 -17.73 -6.28 4.95
N ILE A 344 -19.05 -6.39 5.16
CA ILE A 344 -19.95 -7.15 4.25
C ILE A 344 -19.94 -6.48 2.86
N ALA A 345 -20.07 -5.15 2.81
CA ALA A 345 -20.08 -4.43 1.52
C ALA A 345 -18.81 -4.70 0.73
N ASN A 346 -17.65 -4.72 1.39
CA ASN A 346 -16.38 -4.95 0.71
C ASN A 346 -16.33 -6.35 0.10
N ASN A 347 -16.78 -7.34 0.87
CA ASN A 347 -16.78 -8.75 0.38
C ASN A 347 -17.72 -8.84 -0.83
N LEU A 348 -18.90 -8.22 -0.75
CA LEU A 348 -19.89 -8.28 -1.86
C LEU A 348 -19.27 -7.71 -3.14
N ARG A 349 -18.48 -6.64 -3.02
CA ARG A 349 -17.87 -5.99 -4.22
C ARG A 349 -16.83 -6.91 -4.85
N GLY A 350 -16.06 -7.62 -4.01
CA GLY A 350 -15.06 -8.60 -4.51
C GLY A 350 -15.70 -9.67 -5.37
N CYS A 351 -16.83 -10.23 -4.91
CA CYS A 351 -17.56 -11.29 -5.66
C CYS A 351 -18.12 -10.72 -6.96
N GLY A 352 -18.39 -9.41 -7.00
CA GLY A 352 -19.04 -8.77 -8.16
C GLY A 352 -20.54 -8.65 -7.97
N LEU A 353 -21.02 -8.57 -6.72
CA LEU A 353 -22.48 -8.55 -6.47
C LEU A 353 -22.90 -7.25 -5.75
N TYR A 354 -22.09 -6.19 -5.84
CA TYR A 354 -22.43 -4.89 -5.22
C TYR A 354 -22.06 -3.75 -6.17
N ASP B 23 4.25 50.90 12.19
CA ASP B 23 4.57 50.09 10.97
C ASP B 23 5.64 50.82 10.16
N GLN B 24 6.89 50.74 10.61
CA GLN B 24 8.06 51.30 9.87
C GLN B 24 9.15 50.24 9.80
N LEU B 25 9.20 49.37 10.81
CA LEU B 25 10.10 48.18 10.80
C LEU B 25 9.83 47.35 9.54
N ARG B 26 8.56 47.17 9.17
CA ARG B 26 8.19 46.47 7.92
C ARG B 26 8.96 47.07 6.74
N GLN B 27 8.89 48.39 6.56
CA GLN B 27 9.50 49.08 5.39
C GLN B 27 11.03 48.95 5.46
N GLU B 28 11.61 49.05 6.66
CA GLU B 28 13.07 48.87 6.85
C GLU B 28 13.46 47.46 6.39
N ALA B 29 12.73 46.44 6.85
CA ALA B 29 12.98 45.03 6.46
C ALA B 29 12.85 44.88 4.95
N GLU B 30 11.89 45.58 4.33
CA GLU B 30 11.64 45.45 2.87
C GLU B 30 12.81 46.10 2.11
N GLN B 31 13.37 47.18 2.65
CA GLN B 31 14.58 47.82 2.07
C GLN B 31 15.75 46.85 2.16
N LEU B 32 15.92 46.19 3.32
CA LEU B 32 17.02 45.20 3.50
C LEU B 32 16.84 44.05 2.50
N LYS B 33 15.60 43.57 2.31
CA LYS B 33 15.32 42.53 1.29
C LYS B 33 15.88 42.97 -0.05
N ASN B 34 15.57 44.21 -0.48
CA ASN B 34 16.02 44.71 -1.80
C ASN B 34 17.56 44.77 -1.84
N GLN B 35 18.18 45.28 -0.78
CA GLN B 35 19.67 45.34 -0.70
C GLN B 35 20.25 43.95 -0.96
N ILE B 36 19.80 42.93 -0.22
CA ILE B 36 20.30 41.53 -0.39
C ILE B 36 20.12 41.11 -1.85
N ARG B 37 18.90 41.27 -2.38
CA ARG B 37 18.58 40.84 -3.77
C ARG B 37 19.60 41.44 -4.75
N ASP B 38 19.88 42.73 -4.61
CA ASP B 38 20.76 43.45 -5.58
C ASP B 38 22.20 42.98 -5.44
N ALA B 39 22.64 42.70 -4.20
CA ALA B 39 24.02 42.22 -3.96
C ALA B 39 24.23 40.88 -4.66
N ARG B 40 23.27 39.96 -4.53
CA ARG B 40 23.34 38.64 -5.22
C ARG B 40 23.41 38.86 -6.73
N LYS B 41 22.60 39.78 -7.27
CA LYS B 41 22.56 40.06 -8.72
C LYS B 41 23.94 40.57 -9.18
N ALA B 42 24.57 41.44 -8.38
CA ALA B 42 25.92 41.95 -8.70
C ALA B 42 26.91 40.79 -8.77
N CYS B 43 26.88 39.90 -7.78
CA CYS B 43 27.86 38.78 -7.70
C CYS B 43 27.56 37.73 -8.78
N ALA B 44 26.40 37.79 -9.43
CA ALA B 44 26.14 36.91 -10.60
C ALA B 44 26.81 37.50 -11.85
N ASP B 45 27.54 36.68 -12.61
CA ASP B 45 28.24 37.15 -13.83
C ASP B 45 28.11 36.10 -14.95
N ALA B 46 28.10 34.81 -14.60
CA ALA B 46 28.02 33.72 -15.59
C ALA B 46 27.38 32.48 -14.96
N THR B 47 26.36 31.92 -15.61
CA THR B 47 25.65 30.73 -15.07
C THR B 47 26.56 29.51 -15.12
N LEU B 48 26.31 28.54 -14.23
CA LEU B 48 27.06 27.25 -14.22
C LEU B 48 26.90 26.58 -15.59
N SER B 49 25.70 26.66 -16.18
CA SER B 49 25.43 26.04 -17.50
C SER B 49 26.47 26.47 -18.53
N GLN B 50 26.80 27.76 -18.57
CA GLN B 50 27.79 28.30 -19.55
C GLN B 50 29.17 27.68 -19.29
N ILE B 51 29.63 27.72 -18.04
CA ILE B 51 31.01 27.29 -17.69
C ILE B 51 31.16 25.79 -17.97
N THR B 52 30.14 24.99 -17.65
CA THR B 52 30.23 23.51 -17.73
C THR B 52 29.61 23.00 -19.03
N ASN B 53 29.39 23.89 -20.00
CA ASN B 53 29.10 23.52 -21.38
C ASN B 53 30.22 22.70 -21.99
N ASN B 54 31.48 23.08 -21.72
CA ASN B 54 32.61 22.37 -22.31
C ASN B 54 32.74 20.94 -21.79
N ILE B 55 32.11 20.62 -20.66
CA ILE B 55 32.24 19.29 -20.09
C ILE B 55 31.52 18.28 -20.98
N ASP B 56 32.21 17.20 -21.32
CA ASP B 56 31.59 16.15 -22.11
C ASP B 56 30.51 15.43 -21.30
N PRO B 57 29.42 15.01 -21.93
CA PRO B 57 28.33 14.37 -21.19
C PRO B 57 28.80 13.08 -20.51
N VAL B 58 28.18 12.78 -19.36
CA VAL B 58 28.51 11.55 -18.65
C VAL B 58 28.07 10.33 -19.46
N GLY B 59 26.96 10.42 -20.17
CA GLY B 59 26.44 9.31 -20.93
C GLY B 59 25.40 8.50 -20.16
N ARG B 60 24.76 7.56 -20.86
CA ARG B 60 23.73 6.69 -20.24
C ARG B 60 24.36 5.89 -19.08
N ILE B 61 23.76 6.02 -17.88
CA ILE B 61 24.13 5.21 -16.69
C ILE B 61 23.04 4.16 -16.47
N GLN B 62 23.34 2.89 -16.73
CA GLN B 62 22.33 1.80 -16.66
C GLN B 62 22.60 0.96 -15.41
N MET B 63 21.75 1.10 -14.39
CA MET B 63 21.92 0.38 -13.10
C MET B 63 20.89 -0.76 -13.02
N ARG B 64 21.29 -1.89 -12.45
CA ARG B 64 20.41 -3.09 -12.35
C ARG B 64 20.39 -3.58 -10.90
N THR B 65 19.20 -3.71 -10.31
CA THR B 65 19.04 -4.10 -8.91
C THR B 65 19.86 -5.36 -8.63
N ARG B 66 20.63 -5.33 -7.54
CA ARG B 66 21.46 -6.46 -7.15
C ARG B 66 20.84 -7.27 -6.01
N ARG B 67 20.26 -6.60 -5.02
CA ARG B 67 19.60 -7.26 -3.92
C ARG B 67 18.18 -6.71 -3.78
N THR B 68 17.34 -7.46 -3.06
CA THR B 68 15.98 -7.04 -2.75
C THR B 68 15.67 -7.56 -1.35
N LEU B 69 15.55 -6.65 -0.39
CA LEU B 69 15.32 -7.03 0.99
C LEU B 69 13.82 -7.04 1.29
N ARG B 70 13.35 -8.14 1.89
CA ARG B 70 11.95 -8.33 2.21
C ARG B 70 11.79 -8.63 3.69
N GLY B 71 10.63 -8.28 4.23
CA GLY B 71 10.37 -8.49 5.65
C GLY B 71 9.52 -7.43 6.29
N HIS B 72 9.39 -6.27 5.62
CA HIS B 72 8.43 -5.25 6.12
C HIS B 72 7.06 -5.56 5.54
N LEU B 73 6.01 -5.41 6.36
CA LEU B 73 4.63 -5.76 5.93
C LEU B 73 3.80 -4.48 5.79
N ALA B 74 4.47 -3.33 5.65
CA ALA B 74 3.80 -2.02 5.47
C ALA B 74 4.79 -0.98 4.94
N LYS B 75 4.28 0.20 4.59
CA LYS B 75 5.04 1.24 3.84
C LYS B 75 6.31 1.63 4.61
N ILE B 76 7.47 1.63 3.93
CA ILE B 76 8.75 2.02 4.50
C ILE B 76 8.90 3.52 4.39
N TYR B 77 9.24 4.18 5.50
CA TYR B 77 9.32 5.63 5.54
C TYR B 77 10.74 6.19 5.63
N ALA B 78 11.71 5.41 6.08
CA ALA B 78 13.06 5.92 6.24
C ALA B 78 14.06 4.78 6.23
N MET B 79 15.33 5.13 6.03
CA MET B 79 16.43 4.19 6.07
C MET B 79 17.72 4.98 6.22
N HIS B 80 18.80 4.27 6.55
CA HIS B 80 20.08 4.94 6.74
C HIS B 80 21.21 3.91 6.65
N TRP B 81 22.17 4.16 5.77
CA TRP B 81 23.32 3.27 5.65
C TRP B 81 24.24 3.41 6.85
N GLY B 82 24.94 2.33 7.17
CA GLY B 82 25.97 2.37 8.17
C GLY B 82 27.25 2.96 7.63
N THR B 83 28.17 3.25 8.56
CA THR B 83 29.45 3.84 8.16
C THR B 83 30.37 2.81 7.51
N ASP B 84 30.14 1.52 7.74
CA ASP B 84 30.96 0.47 7.15
C ASP B 84 30.49 0.08 5.74
N SER B 85 29.37 0.63 5.28
CA SER B 85 28.84 0.38 3.94
C SER B 85 28.29 -1.01 3.78
N ARG B 86 27.97 -1.68 4.89
CA ARG B 86 27.45 -3.06 4.85
C ARG B 86 26.04 -3.08 5.45
N LEU B 87 25.86 -2.52 6.65
CA LEU B 87 24.60 -2.64 7.41
C LEU B 87 23.70 -1.43 7.13
N LEU B 88 22.39 -1.63 7.05
CA LEU B 88 21.43 -0.51 6.87
C LEU B 88 20.22 -0.69 7.79
N VAL B 89 19.75 0.40 8.41
CA VAL B 89 18.52 0.38 9.26
C VAL B 89 17.33 0.79 8.37
N SER B 90 16.13 0.32 8.69
CA SER B 90 14.90 0.74 7.96
C SER B 90 13.70 0.74 8.90
N ALA B 91 12.75 1.65 8.69
CA ALA B 91 11.57 1.76 9.54
C ALA B 91 10.33 1.78 8.65
N SER B 92 9.26 1.19 9.13
CA SER B 92 7.98 1.17 8.39
C SER B 92 6.84 1.33 9.38
N GLN B 93 5.63 1.50 8.85
CA GLN B 93 4.47 1.78 9.67
C GLN B 93 4.03 0.58 10.49
N ASP B 94 4.60 -0.59 10.26
CA ASP B 94 4.24 -1.76 11.06
C ASP B 94 4.98 -1.80 12.38
N GLY B 95 5.60 -0.71 12.81
CA GLY B 95 6.25 -0.67 14.11
C GLY B 95 7.46 -1.57 14.23
N LYS B 96 8.26 -1.70 13.18
CA LYS B 96 9.44 -2.54 13.17
C LYS B 96 10.64 -1.73 12.69
N LEU B 97 11.78 -1.93 13.34
CA LEU B 97 13.06 -1.32 12.93
C LEU B 97 14.03 -2.46 12.69
N ILE B 98 14.25 -2.81 11.43
CA ILE B 98 15.05 -3.98 11.05
C ILE B 98 16.41 -3.50 10.55
N ILE B 99 17.47 -4.11 11.08
CA ILE B 99 18.84 -3.83 10.64
C ILE B 99 19.27 -4.96 9.71
N TRP B 100 19.53 -4.62 8.45
CA TRP B 100 19.81 -5.63 7.44
C TRP B 100 21.30 -5.86 7.29
N ASP B 101 21.66 -6.74 6.37
CA ASP B 101 23.04 -6.95 5.94
C ASP B 101 22.99 -7.08 4.42
N SER B 102 23.23 -5.95 3.74
CA SER B 102 22.99 -5.89 2.30
C SER B 102 23.81 -6.93 1.54
N TYR B 103 24.97 -7.31 2.06
CA TYR B 103 25.81 -8.27 1.34
C TYR B 103 25.12 -9.62 1.20
N THR B 104 24.48 -10.11 2.26
CA THR B 104 23.86 -11.41 2.27
C THR B 104 22.37 -11.38 2.58
N THR B 105 21.80 -10.19 2.78
CA THR B 105 20.37 -10.02 3.04
C THR B 105 19.94 -10.71 4.34
N ASN B 106 20.86 -10.86 5.28
CA ASN B 106 20.53 -11.42 6.58
C ASN B 106 20.06 -10.33 7.53
N LYS B 107 19.03 -10.63 8.30
CA LYS B 107 18.50 -9.70 9.28
C LYS B 107 19.29 -9.84 10.57
N VAL B 108 19.90 -8.73 11.00
CA VAL B 108 20.72 -8.75 12.22
C VAL B 108 19.92 -8.33 13.46
N HIS B 109 18.89 -7.50 13.28
CA HIS B 109 18.07 -7.06 14.40
C HIS B 109 16.66 -6.78 13.91
N ALA B 110 15.71 -6.80 14.84
CA ALA B 110 14.32 -6.43 14.59
C ALA B 110 13.78 -5.87 15.89
N ILE B 111 13.79 -4.54 16.01
CA ILE B 111 13.41 -3.85 17.23
C ILE B 111 11.92 -3.49 17.14
N PRO B 112 11.11 -3.85 18.12
CA PRO B 112 9.69 -3.45 18.09
C PRO B 112 9.48 -2.06 18.67
N LEU B 113 8.80 -1.19 17.92
CA LEU B 113 8.61 0.18 18.33
C LEU B 113 7.38 0.32 19.21
N ARG B 114 7.49 1.10 20.28
CA ARG B 114 6.34 1.34 21.15
C ARG B 114 5.24 2.09 20.41
N SER B 115 5.58 2.80 19.33
CA SER B 115 4.61 3.49 18.50
C SER B 115 4.93 3.16 17.04
N SER B 116 3.89 2.73 16.32
CA SER B 116 4.02 2.21 14.93
C SER B 116 4.20 3.37 13.96
N TRP B 117 3.95 4.60 14.42
CA TRP B 117 3.90 5.79 13.54
C TRP B 117 5.29 6.42 13.47
N VAL B 118 6.15 5.88 12.60
CA VAL B 118 7.57 6.31 12.52
C VAL B 118 7.82 6.94 11.14
N MET B 119 8.50 8.08 11.12
CA MET B 119 8.66 8.89 9.88
C MET B 119 10.14 9.15 9.61
N THR B 120 11.02 8.81 10.57
CA THR B 120 12.48 9.00 10.41
C THR B 120 13.23 7.90 11.14
N CYS B 121 14.43 7.56 10.66
CA CYS B 121 15.38 6.71 11.43
C CYS B 121 16.81 7.14 11.11
N ALA B 122 17.75 6.82 12.00
CA ALA B 122 19.16 7.26 11.87
C ALA B 122 20.08 6.15 12.36
N TYR B 123 21.32 6.12 11.86
CA TYR B 123 22.30 5.11 12.24
C TYR B 123 23.53 5.84 12.75
N ALA B 124 23.96 5.53 13.97
CA ALA B 124 25.08 6.25 14.56
C ALA B 124 26.34 6.03 13.73
N PRO B 125 27.22 7.04 13.67
CA PRO B 125 28.46 6.87 12.89
C PRO B 125 29.33 5.75 13.40
N SER B 126 29.30 5.46 14.70
CA SER B 126 30.06 4.37 15.27
C SER B 126 29.35 3.02 15.19
N GLY B 127 28.06 3.01 14.85
CA GLY B 127 27.31 1.77 14.75
C GLY B 127 26.81 1.24 16.06
N ASN B 128 26.89 2.01 17.14
CA ASN B 128 26.46 1.55 18.46
C ASN B 128 25.03 1.94 18.80
N TYR B 129 24.37 2.76 17.98
CA TYR B 129 23.05 3.27 18.30
C TYR B 129 22.21 3.38 17.04
N VAL B 130 20.90 3.53 17.27
CA VAL B 130 19.95 3.90 16.22
C VAL B 130 18.86 4.75 16.88
N ALA B 131 18.19 5.57 16.09
CA ALA B 131 17.15 6.44 16.60
C ALA B 131 15.98 6.45 15.63
N CYS B 132 14.83 6.89 16.13
CA CYS B 132 13.63 6.96 15.31
C CYS B 132 12.62 7.90 15.98
N GLY B 133 11.62 8.30 15.20
CA GLY B 133 10.57 9.16 15.71
C GLY B 133 9.46 9.27 14.70
N GLY B 134 8.38 9.92 15.10
CA GLY B 134 7.23 10.08 14.23
C GLY B 134 6.12 10.92 14.81
N LEU B 135 4.87 10.51 14.61
CA LEU B 135 3.75 11.30 15.09
C LEU B 135 3.80 11.48 16.60
N ASP B 136 4.35 10.51 17.31
CA ASP B 136 4.74 10.75 18.70
C ASP B 136 5.90 11.73 18.73
N ASN B 137 5.78 12.78 19.53
CA ASN B 137 6.74 13.86 19.49
C ASN B 137 7.99 13.52 20.28
N ILE B 138 8.58 12.35 20.02
CA ILE B 138 9.69 11.84 20.81
C ILE B 138 10.70 11.19 19.89
N CYS B 139 11.97 11.30 20.25
CA CYS B 139 13.07 10.64 19.56
C CYS B 139 13.66 9.59 20.50
N SER B 140 13.66 8.34 20.06
CA SER B 140 14.10 7.22 20.88
C SER B 140 15.47 6.75 20.41
N ILE B 141 16.33 6.41 21.36
CA ILE B 141 17.69 5.95 21.09
C ILE B 141 17.84 4.54 21.62
N TYR B 142 18.27 3.63 20.76
CA TYR B 142 18.40 2.22 21.09
C TYR B 142 19.87 1.83 21.10
N ASN B 143 20.30 1.13 22.15
CA ASN B 143 21.67 0.67 22.28
C ASN B 143 21.78 -0.70 21.66
N LEU B 144 22.39 -0.76 20.47
CA LEU B 144 22.44 -2.01 19.68
C LEU B 144 23.27 -3.05 20.43
N LYS B 145 24.43 -2.64 20.96
CA LYS B 145 25.38 -3.60 21.58
C LYS B 145 25.40 -3.41 23.10
N THR B 146 24.72 -4.29 23.83
CA THR B 146 24.54 -4.13 25.29
C THR B 146 25.04 -5.38 26.02
N ARG B 147 24.95 -5.39 27.35
CA ARG B 147 25.61 -6.42 28.20
C ARG B 147 24.92 -7.78 28.02
N GLU B 148 23.62 -7.79 27.76
CA GLU B 148 22.82 -9.05 27.73
C GLU B 148 22.54 -9.46 26.28
N GLY B 149 23.00 -8.66 25.31
CA GLY B 149 22.69 -8.89 23.89
C GLY B 149 21.20 -8.78 23.62
N ASN B 150 20.60 -7.64 23.99
CA ASN B 150 19.14 -7.41 23.82
C ASN B 150 18.89 -5.91 23.59
N VAL B 151 18.48 -5.53 22.38
CA VAL B 151 18.32 -4.08 22.08
C VAL B 151 17.09 -3.55 22.84
N ARG B 152 17.32 -2.56 23.71
CA ARG B 152 16.26 -1.91 24.51
C ARG B 152 16.30 -0.41 24.28
N VAL B 153 15.23 0.29 24.70
CA VAL B 153 15.20 1.78 24.61
C VAL B 153 16.08 2.36 25.73
N SER B 154 17.22 2.93 25.38
CA SER B 154 18.14 3.55 26.37
C SER B 154 17.60 4.91 26.81
N ARG B 155 17.42 5.83 25.86
CA ARG B 155 16.92 7.20 26.18
C ARG B 155 15.80 7.57 25.21
N GLU B 156 14.82 8.32 25.72
CA GLU B 156 13.73 8.94 24.96
C GLU B 156 13.78 10.44 25.22
N LEU B 157 13.89 11.21 24.14
CA LEU B 157 14.08 12.66 24.22
C LEU B 157 12.76 13.33 23.86
N ALA B 158 12.19 14.05 24.83
CA ALA B 158 10.93 14.75 24.65
C ALA B 158 11.13 16.25 24.83
N GLY B 159 10.23 17.02 24.23
CA GLY B 159 10.34 18.47 24.25
C GLY B 159 9.85 19.13 22.98
N HIS B 160 9.75 18.37 21.90
CA HIS B 160 9.18 18.88 20.66
C HIS B 160 7.66 18.84 20.74
N THR B 161 7.03 19.82 20.11
CA THR B 161 5.57 19.94 20.11
C THR B 161 4.95 19.48 18.80
N GLY B 162 5.76 18.92 17.90
CA GLY B 162 5.25 18.43 16.61
C GLY B 162 5.95 17.18 16.15
N TYR B 163 5.38 16.48 15.16
CA TYR B 163 5.96 15.21 14.64
C TYR B 163 7.42 15.44 14.24
N LEU B 164 8.31 14.55 14.68
CA LEU B 164 9.74 14.62 14.27
C LEU B 164 9.87 14.10 12.83
N SER B 165 10.57 14.86 11.99
CA SER B 165 10.61 14.62 10.52
C SER B 165 11.98 14.10 10.11
N CYS B 166 13.03 14.49 10.83
CA CYS B 166 14.40 13.98 10.57
C CYS B 166 15.24 14.06 11.85
N CYS B 167 16.14 13.10 12.03
CA CYS B 167 17.12 13.11 13.16
C CYS B 167 18.49 12.64 12.65
N ARG B 168 19.55 13.39 12.92
CA ARG B 168 20.88 12.99 12.47
C ARG B 168 21.84 12.95 13.63
N PHE B 169 22.56 11.84 13.78
CA PHE B 169 23.53 11.68 14.85
C PHE B 169 24.73 12.56 14.58
N LEU B 170 24.84 13.67 15.31
CA LEU B 170 26.01 14.52 15.16
C LEU B 170 27.28 13.76 15.54
N ASP B 171 27.26 13.10 16.68
CA ASP B 171 28.32 12.18 17.08
C ASP B 171 27.69 11.11 17.98
N ASP B 172 28.52 10.37 18.71
CA ASP B 172 28.02 9.30 19.56
C ASP B 172 27.32 9.83 20.82
N ASN B 173 27.39 11.14 21.09
CA ASN B 173 26.82 11.71 22.30
C ASN B 173 25.83 12.84 22.02
N GLN B 174 25.73 13.34 20.79
CA GLN B 174 24.84 14.44 20.46
C GLN B 174 24.02 14.09 19.22
N ILE B 175 22.86 14.72 19.10
CA ILE B 175 21.94 14.46 18.01
C ILE B 175 21.21 15.75 17.66
N VAL B 176 20.81 15.86 16.39
CA VAL B 176 20.08 17.01 15.89
C VAL B 176 18.76 16.53 15.31
N THR B 177 17.67 17.21 15.67
CA THR B 177 16.34 16.81 15.21
C THR B 177 15.57 18.03 14.74
N SER B 178 14.63 17.79 13.83
CA SER B 178 13.71 18.81 13.33
C SER B 178 12.29 18.26 13.38
N SER B 179 11.35 19.09 13.82
CA SER B 179 9.98 18.65 14.01
C SER B 179 9.03 19.58 13.27
N GLY B 180 7.74 19.29 13.38
CA GLY B 180 6.69 20.05 12.74
C GLY B 180 6.26 21.30 13.46
N ASP B 181 6.87 21.61 14.60
CA ASP B 181 6.60 22.88 15.27
C ASP B 181 7.43 24.03 14.71
N THR B 182 8.12 23.81 13.59
CA THR B 182 8.92 24.83 12.93
C THR B 182 10.20 25.14 13.69
N THR B 183 10.79 24.15 14.36
CA THR B 183 12.02 24.35 15.11
C THR B 183 12.88 23.11 15.04
N CYS B 184 14.19 23.32 15.14
CA CYS B 184 15.18 22.25 15.26
C CYS B 184 15.91 22.42 16.58
N ALA B 185 16.36 21.30 17.15
CA ALA B 185 17.01 21.33 18.45
C ALA B 185 18.25 20.44 18.44
N LEU B 186 19.21 20.80 19.29
CA LEU B 186 20.40 19.98 19.52
C LEU B 186 20.32 19.39 20.91
N TRP B 187 20.45 18.07 21.00
CA TRP B 187 20.19 17.34 22.23
C TRP B 187 21.50 16.83 22.83
N ASP B 188 21.44 16.53 24.13
CA ASP B 188 22.52 15.86 24.84
C ASP B 188 21.99 14.50 25.30
N ILE B 189 22.42 13.44 24.61
CA ILE B 189 21.82 12.13 24.84
C ILE B 189 22.03 11.70 26.29
N GLU B 190 23.18 12.02 26.87
CA GLU B 190 23.43 11.61 28.25
C GLU B 190 22.45 12.23 29.21
N THR B 191 22.14 13.52 29.03
CA THR B 191 21.23 14.21 29.92
C THR B 191 19.80 14.23 29.39
N GLY B 192 19.61 14.26 28.09
CA GLY B 192 18.29 14.28 27.50
C GLY B 192 17.66 15.65 27.33
N GLN B 193 18.40 16.72 27.62
CA GLN B 193 17.88 18.07 27.51
C GLN B 193 18.49 18.77 26.30
N GLN B 194 17.64 19.41 25.50
CA GLN B 194 18.10 20.08 24.28
C GLN B 194 18.98 21.27 24.66
N THR B 195 20.28 21.15 24.38
CA THR B 195 21.20 22.23 24.69
C THR B 195 20.88 23.49 23.90
N THR B 196 20.59 23.35 22.61
CA THR B 196 20.35 24.50 21.74
C THR B 196 19.07 24.28 20.96
N THR B 197 18.41 25.38 20.61
CA THR B 197 17.21 25.37 19.80
C THR B 197 17.36 26.39 18.67
N PHE B 198 16.96 25.99 17.47
CA PHE B 198 17.09 26.83 16.27
C PHE B 198 15.71 27.24 15.80
N THR B 199 15.39 28.52 15.95
CA THR B 199 14.09 29.06 15.58
C THR B 199 14.24 30.05 14.43
N GLY B 200 13.14 30.25 13.72
CA GLY B 200 13.12 31.20 12.61
C GLY B 200 12.30 30.73 11.42
N HIS B 201 12.14 29.42 11.28
CA HIS B 201 11.35 28.89 10.18
C HIS B 201 9.88 29.28 10.32
N THR B 202 9.25 29.60 9.20
CA THR B 202 7.85 30.00 9.18
C THR B 202 6.89 28.82 9.09
N GLY B 203 7.38 27.62 8.80
CA GLY B 203 6.51 26.48 8.65
C GLY B 203 7.14 25.19 9.14
N ASP B 204 6.52 24.06 8.82
CA ASP B 204 7.03 22.76 9.25
C ASP B 204 8.42 22.52 8.66
N VAL B 205 9.29 21.89 9.44
CA VAL B 205 10.62 21.51 8.98
C VAL B 205 10.56 20.05 8.56
N MET B 206 10.89 19.79 7.30
CA MET B 206 10.72 18.47 6.71
C MET B 206 12.01 17.69 6.54
N SER B 207 13.16 18.37 6.47
CA SER B 207 14.41 17.70 6.18
C SER B 207 15.53 18.34 6.97
N LEU B 208 16.71 17.72 6.88
CA LEU B 208 17.87 18.14 7.66
C LEU B 208 19.11 17.41 7.16
N SER B 209 20.23 18.12 7.05
CA SER B 209 21.47 17.52 6.57
C SER B 209 22.65 18.15 7.27
N LEU B 210 23.56 17.33 7.76
CA LEU B 210 24.76 17.80 8.45
C LEU B 210 25.91 17.97 7.48
N ALA B 211 26.77 18.95 7.75
CA ALA B 211 27.95 19.16 6.96
C ALA B 211 28.94 18.03 7.19
N PRO B 212 29.82 17.76 6.23
CA PRO B 212 30.81 16.70 6.42
C PRO B 212 31.67 16.91 7.66
N ASP B 213 31.96 18.17 8.00
CA ASP B 213 32.68 18.47 9.23
C ASP B 213 31.77 18.46 10.45
N THR B 214 30.46 18.48 10.25
CA THR B 214 29.48 18.48 11.34
C THR B 214 29.53 19.75 12.18
N ARG B 215 30.01 20.85 11.60
CA ARG B 215 29.96 22.15 12.25
C ARG B 215 28.84 23.03 11.72
N LEU B 216 28.08 22.56 10.74
CA LEU B 216 26.95 23.30 10.19
C LEU B 216 25.94 22.30 9.64
N PHE B 217 24.72 22.76 9.44
CA PHE B 217 23.69 21.93 8.82
C PHE B 217 22.64 22.84 8.20
N VAL B 218 21.88 22.27 7.27
CA VAL B 218 20.84 22.99 6.55
C VAL B 218 19.52 22.26 6.75
N SER B 219 18.43 23.02 6.71
CA SER B 219 17.09 22.49 6.91
C SER B 219 16.15 23.03 5.86
N GLY B 220 15.20 22.20 5.44
CA GLY B 220 14.17 22.60 4.49
C GLY B 220 12.81 22.55 5.15
N ALA B 221 12.02 23.60 4.93
CA ALA B 221 10.73 23.75 5.57
C ALA B 221 9.62 23.87 4.54
N CYS B 222 8.39 23.73 5.00
CA CYS B 222 7.23 23.82 4.14
C CYS B 222 6.98 25.25 3.65
N ASP B 223 7.68 26.24 4.20
CA ASP B 223 7.55 27.62 3.74
C ASP B 223 8.35 27.90 2.48
N ALA B 224 8.93 26.88 1.87
CA ALA B 224 9.66 27.02 0.61
C ALA B 224 10.93 27.85 0.78
N SER B 225 11.69 27.54 1.83
CA SER B 225 12.96 28.22 2.07
C SER B 225 13.89 27.26 2.80
N ALA B 226 15.18 27.56 2.72
CA ALA B 226 16.23 26.79 3.39
C ALA B 226 17.13 27.74 4.16
N LYS B 227 17.73 27.23 5.23
CA LYS B 227 18.54 28.05 6.10
C LYS B 227 19.82 27.31 6.45
N LEU B 228 20.86 28.07 6.79
CA LEU B 228 22.13 27.53 7.24
C LEU B 228 22.32 27.87 8.70
N TRP B 229 22.54 26.86 9.53
CA TRP B 229 22.64 27.01 10.98
C TRP B 229 24.05 26.72 11.45
N ASP B 230 24.46 27.42 12.50
CA ASP B 230 25.73 27.17 13.17
C ASP B 230 25.45 26.36 14.44
N VAL B 231 26.02 25.16 14.50
CA VAL B 231 25.74 24.27 15.63
C VAL B 231 26.24 24.88 16.94
N ARG B 232 27.45 25.44 16.91
CA ARG B 232 28.03 25.97 18.14
C ARG B 232 27.32 27.23 18.61
N GLU B 233 26.96 28.12 17.68
CA GLU B 233 26.34 29.39 18.05
C GLU B 233 24.83 29.33 18.07
N GLY B 234 24.21 28.45 17.31
CA GLY B 234 22.76 28.40 17.23
C GLY B 234 22.13 29.60 16.58
N MET B 235 22.69 30.07 15.47
CA MET B 235 22.15 31.21 14.74
C MET B 235 22.10 30.88 13.26
N CYS B 236 21.13 31.48 12.56
CA CYS B 236 20.94 31.24 11.13
C CYS B 236 21.87 32.14 10.34
N ARG B 237 22.85 31.54 9.67
CA ARG B 237 23.81 32.32 8.91
C ARG B 237 23.23 32.87 7.62
N GLN B 238 22.47 32.06 6.90
CA GLN B 238 21.94 32.47 5.60
C GLN B 238 20.58 31.82 5.38
N THR B 239 19.81 32.42 4.47
CA THR B 239 18.51 31.90 4.08
C THR B 239 18.43 31.86 2.56
N PHE B 240 17.88 30.77 2.03
CA PHE B 240 17.78 30.55 0.58
C PHE B 240 16.33 30.38 0.21
N THR B 241 15.85 31.16 -0.75
CA THR B 241 14.44 31.16 -1.16
C THR B 241 14.36 31.14 -2.67
N GLY B 242 14.24 29.96 -3.25
CA GLY B 242 14.07 29.83 -4.69
C GLY B 242 12.90 28.97 -5.10
N HIS B 243 12.43 28.13 -4.19
CA HIS B 243 11.37 27.19 -4.50
C HIS B 243 10.00 27.87 -4.46
N GLU B 244 9.01 27.21 -5.06
CA GLU B 244 7.64 27.70 -5.07
C GLU B 244 6.70 26.88 -4.22
N SER B 245 7.21 25.91 -3.45
CA SER B 245 6.39 25.09 -2.59
C SER B 245 7.27 24.52 -1.49
N ASP B 246 6.69 23.66 -0.66
CA ASP B 246 7.41 23.08 0.46
C ASP B 246 8.54 22.18 -0.01
N ILE B 247 9.59 22.09 0.81
CA ILE B 247 10.78 21.30 0.51
C ILE B 247 10.72 20.01 1.31
N ASN B 248 10.89 18.88 0.63
CA ASN B 248 10.78 17.57 1.27
C ASN B 248 12.12 16.91 1.56
N ALA B 249 13.17 17.25 0.80
CA ALA B 249 14.46 16.62 1.01
C ALA B 249 15.57 17.65 0.77
N ILE B 250 16.71 17.41 1.39
CA ILE B 250 17.86 18.30 1.28
C ILE B 250 19.10 17.46 1.53
N CYS B 251 20.21 17.87 0.91
CA CYS B 251 21.45 17.09 1.00
C CYS B 251 22.64 17.99 0.70
N PHE B 252 23.71 17.84 1.47
CA PHE B 252 24.94 18.57 1.20
C PHE B 252 25.71 17.97 0.03
N PHE B 253 26.31 18.85 -0.76
CA PHE B 253 27.28 18.42 -1.77
C PHE B 253 28.50 17.84 -1.07
N PRO B 254 29.13 16.81 -1.65
CA PRO B 254 30.28 16.19 -0.97
C PRO B 254 31.37 17.18 -0.63
N ASN B 255 31.58 18.20 -1.46
CA ASN B 255 32.58 19.22 -1.16
C ASN B 255 32.26 19.95 0.14
N GLY B 256 30.99 20.00 0.52
CA GLY B 256 30.57 20.76 1.68
C GLY B 256 30.30 22.21 1.43
N ASN B 257 30.31 22.66 0.17
CA ASN B 257 30.11 24.06 -0.18
C ASN B 257 28.88 24.26 -1.04
N ALA B 258 27.93 23.32 -1.00
CA ALA B 258 26.70 23.43 -1.77
C ALA B 258 25.76 22.33 -1.31
N PHE B 259 24.49 22.47 -1.67
CA PHE B 259 23.49 21.47 -1.33
C PHE B 259 22.39 21.48 -2.37
N ALA B 260 21.60 20.41 -2.39
CA ALA B 260 20.49 20.26 -3.30
C ALA B 260 19.20 20.06 -2.52
N THR B 261 18.10 20.57 -3.06
CA THR B 261 16.80 20.50 -2.41
C THR B 261 15.77 19.92 -3.36
N GLY B 262 14.77 19.26 -2.80
CA GLY B 262 13.65 18.75 -3.57
C GLY B 262 12.35 19.19 -2.96
N SER B 263 11.42 19.61 -3.81
CA SER B 263 10.15 20.16 -3.36
C SER B 263 9.00 19.52 -4.12
N ASP B 264 7.78 19.86 -3.69
CA ASP B 264 6.57 19.41 -4.38
C ASP B 264 6.40 20.08 -5.74
N ASP B 265 7.20 21.09 -6.05
CA ASP B 265 7.13 21.78 -7.33
C ASP B 265 7.60 20.87 -8.46
N ALA B 266 8.09 19.68 -8.11
CA ALA B 266 8.61 18.70 -9.05
C ALA B 266 9.99 19.07 -9.58
N THR B 267 10.69 19.97 -8.90
CA THR B 267 11.97 20.48 -9.37
C THR B 267 12.98 20.47 -8.25
N CYS B 268 14.22 20.10 -8.56
CA CYS B 268 15.35 20.21 -7.65
C CYS B 268 16.15 21.46 -7.99
N ARG B 269 16.96 21.90 -7.02
CA ARG B 269 17.78 23.08 -7.19
C ARG B 269 19.09 22.91 -6.44
N LEU B 270 20.12 23.58 -6.92
CA LEU B 270 21.44 23.54 -6.31
C LEU B 270 21.82 24.94 -5.85
N PHE B 271 22.19 25.07 -4.59
CA PHE B 271 22.59 26.34 -4.01
C PHE B 271 24.05 26.26 -3.57
N ASP B 272 24.74 27.39 -3.65
CA ASP B 272 26.14 27.48 -3.22
C ASP B 272 26.23 28.44 -2.04
N LEU B 273 26.89 28.00 -0.97
CA LEU B 273 26.98 28.80 0.24
C LEU B 273 27.79 30.07 0.02
N ARG B 274 28.97 29.93 -0.57
CA ARG B 274 29.85 31.09 -0.73
C ARG B 274 29.23 32.12 -1.68
N ALA B 275 28.67 31.66 -2.79
CA ALA B 275 28.00 32.57 -3.72
C ALA B 275 26.68 33.08 -3.15
N ASP B 276 26.04 32.29 -2.28
CA ASP B 276 24.81 32.71 -1.60
C ASP B 276 23.67 32.90 -2.60
N GLN B 277 23.46 31.91 -3.45
CA GLN B 277 22.38 31.97 -4.41
C GLN B 277 22.29 30.65 -5.17
N GLU B 278 21.18 30.47 -5.87
CA GLU B 278 20.95 29.27 -6.64
C GLU B 278 21.93 29.18 -7.81
N LEU B 279 22.22 27.95 -8.23
CA LEU B 279 23.14 27.70 -9.34
C LEU B 279 22.45 27.05 -10.53
N MET B 280 21.72 25.96 -10.31
CA MET B 280 21.08 25.22 -11.40
C MET B 280 19.73 24.70 -10.95
N THR B 281 18.95 24.22 -11.91
CA THR B 281 17.63 23.64 -11.65
C THR B 281 17.47 22.38 -12.49
N TYR B 282 16.88 21.36 -11.87
CA TYR B 282 16.72 20.04 -12.49
C TYR B 282 15.23 19.76 -12.63
N SER B 283 14.63 20.22 -13.72
CA SER B 283 13.21 20.04 -13.97
C SER B 283 12.98 19.57 -15.39
N HIS B 284 11.89 18.83 -15.59
CA HIS B 284 11.50 18.35 -16.90
C HIS B 284 10.00 18.54 -17.08
N ASP B 285 9.60 18.86 -18.31
CA ASP B 285 8.18 19.06 -18.60
C ASP B 285 7.38 17.77 -18.50
N ASN B 286 8.05 16.63 -18.56
CA ASN B 286 7.39 15.33 -18.44
C ASN B 286 7.16 14.91 -17.00
N ILE B 287 7.69 15.65 -16.03
CA ILE B 287 7.58 15.33 -14.61
C ILE B 287 6.69 16.36 -13.96
N ILE B 288 5.68 15.88 -13.22
CA ILE B 288 4.72 16.77 -12.57
C ILE B 288 4.57 16.40 -11.11
N CYS B 289 5.11 15.23 -10.75
CA CYS B 289 5.01 14.73 -9.35
C CYS B 289 6.17 15.27 -8.52
N GLY B 290 6.01 15.28 -7.19
CA GLY B 290 6.99 15.84 -6.29
C GLY B 290 8.15 14.90 -6.02
N ILE B 291 9.18 15.44 -5.36
CA ILE B 291 10.38 14.69 -5.02
C ILE B 291 10.32 14.31 -3.55
N THR B 292 10.54 13.03 -3.26
CA THR B 292 10.50 12.55 -1.88
C THR B 292 11.86 12.58 -1.21
N SER B 293 12.95 12.47 -1.98
CA SER B 293 14.29 12.44 -1.40
C SER B 293 15.30 12.74 -2.50
N VAL B 294 16.46 13.26 -2.08
CA VAL B 294 17.58 13.53 -2.98
C VAL B 294 18.86 13.02 -2.32
N SER B 295 19.86 12.76 -3.15
CA SER B 295 21.16 12.34 -2.65
C SER B 295 22.20 12.52 -3.75
N PHE B 296 23.46 12.57 -3.34
CA PHE B 296 24.58 12.74 -4.26
C PHE B 296 25.40 11.45 -4.32
N SER B 297 26.42 11.46 -5.17
CA SER B 297 27.36 10.35 -5.28
C SER B 297 28.69 10.73 -4.64
N LYS B 298 29.63 9.79 -4.66
CA LYS B 298 30.88 9.99 -3.95
C LYS B 298 31.66 11.17 -4.51
N SER B 299 31.68 11.32 -5.83
CA SER B 299 32.38 12.43 -6.47
C SER B 299 31.49 13.65 -6.66
N GLY B 300 30.19 13.54 -6.40
CA GLY B 300 29.29 14.66 -6.55
C GLY B 300 28.85 14.94 -7.97
N ARG B 301 29.12 14.03 -8.91
CA ARG B 301 28.77 14.24 -10.30
C ARG B 301 27.37 13.75 -10.65
N LEU B 302 26.69 13.05 -9.75
CA LEU B 302 25.35 12.55 -9.99
C LEU B 302 24.42 12.99 -8.88
N LEU B 303 23.15 13.14 -9.22
CA LEU B 303 22.10 13.53 -8.27
C LEU B 303 20.92 12.58 -8.44
N LEU B 304 20.73 11.69 -7.48
CA LEU B 304 19.62 10.74 -7.51
C LEU B 304 18.47 11.28 -6.66
N ALA B 305 17.28 11.32 -7.26
CA ALA B 305 16.11 11.88 -6.60
C ALA B 305 14.92 10.93 -6.75
N GLY B 306 14.28 10.61 -5.63
CA GLY B 306 13.07 9.81 -5.69
C GLY B 306 11.84 10.65 -5.98
N TYR B 307 10.85 10.04 -6.65
CA TYR B 307 9.65 10.81 -7.05
C TYR B 307 8.38 10.07 -6.60
N ASP B 308 7.21 10.67 -6.85
CA ASP B 308 5.92 10.03 -6.48
C ASP B 308 5.38 9.22 -7.66
N ASP B 309 6.04 9.28 -8.82
CA ASP B 309 5.60 8.52 -10.02
C ASP B 309 6.12 7.08 -9.93
N PHE B 310 6.51 6.64 -8.73
CA PHE B 310 7.02 5.25 -8.49
C PHE B 310 8.40 5.09 -9.14
N ASN B 311 9.09 6.19 -9.43
CA ASN B 311 10.39 6.10 -10.15
C ASN B 311 11.47 6.99 -9.53
N CYS B 312 12.73 6.69 -9.79
CA CYS B 312 13.87 7.46 -9.32
C CYS B 312 14.71 7.85 -10.53
N ASN B 313 14.99 9.14 -10.68
CA ASN B 313 15.72 9.67 -11.82
C ASN B 313 17.13 10.06 -11.42
N VAL B 314 18.11 9.68 -12.25
CA VAL B 314 19.50 10.05 -12.06
C VAL B 314 19.79 11.26 -12.92
N TRP B 315 20.29 12.31 -12.30
CA TRP B 315 20.55 13.59 -12.97
C TRP B 315 22.06 13.82 -13.09
N ASP B 316 22.42 14.65 -14.05
CA ASP B 316 23.80 15.11 -14.20
C ASP B 316 23.91 16.43 -13.44
N ALA B 317 24.51 16.39 -12.26
CA ALA B 317 24.54 17.57 -11.39
C ALA B 317 25.22 18.75 -12.08
N LEU B 318 26.19 18.50 -12.97
CA LEU B 318 26.98 19.57 -13.64
C LEU B 318 26.29 20.00 -14.95
N LYS B 319 25.21 19.33 -15.40
CA LYS B 319 24.57 19.65 -16.66
C LYS B 319 23.06 19.80 -16.59
N ALA B 320 22.39 19.20 -15.61
CA ALA B 320 20.93 19.24 -15.51
C ALA B 320 20.25 18.41 -16.58
N ASP B 321 20.87 17.32 -17.00
CA ASP B 321 20.33 16.44 -18.03
C ASP B 321 20.21 15.02 -17.47
N ARG B 322 19.03 14.42 -17.62
CA ARG B 322 18.82 13.08 -17.09
C ARG B 322 19.80 12.10 -17.70
N ALA B 323 20.34 11.22 -16.86
CA ALA B 323 21.27 10.18 -17.30
C ALA B 323 20.83 8.78 -16.90
N GLY B 324 19.57 8.61 -16.50
CA GLY B 324 19.09 7.30 -16.12
C GLY B 324 17.74 7.39 -15.44
N VAL B 325 17.14 6.23 -15.23
CA VAL B 325 15.86 6.13 -14.53
C VAL B 325 15.81 4.79 -13.81
N LEU B 326 15.62 4.84 -12.48
CA LEU B 326 15.64 3.64 -11.66
C LEU B 326 14.20 3.16 -11.39
N ALA B 327 13.58 2.66 -12.45
CA ALA B 327 12.26 2.06 -12.31
C ALA B 327 12.36 0.68 -11.67
N GLY B 328 11.27 0.25 -11.06
CA GLY B 328 11.26 -1.05 -10.39
C GLY B 328 10.44 -1.11 -9.11
N HIS B 329 9.92 0.03 -8.67
CA HIS B 329 9.11 0.09 -7.47
C HIS B 329 7.64 0.25 -7.84
N ASP B 330 6.77 -0.49 -7.13
CA ASP B 330 5.31 -0.57 -7.38
C ASP B 330 4.66 0.73 -6.91
N ASN B 331 5.21 1.38 -5.87
CA ASN B 331 4.55 2.48 -5.19
C ASN B 331 5.56 3.61 -5.02
N ARG B 332 5.15 4.66 -4.32
CA ARG B 332 5.97 5.84 -4.16
C ARG B 332 7.30 5.49 -3.51
N VAL B 333 8.36 6.16 -3.97
CA VAL B 333 9.70 5.98 -3.41
C VAL B 333 9.84 6.95 -2.25
N SER B 334 9.89 6.42 -1.03
CA SER B 334 9.88 7.24 0.17
C SER B 334 11.27 7.58 0.68
N CYS B 335 12.24 6.69 0.51
CA CYS B 335 13.59 6.88 1.01
C CYS B 335 14.60 6.55 -0.09
N LEU B 336 15.85 6.96 0.16
CA LEU B 336 16.93 6.81 -0.80
C LEU B 336 18.24 7.16 -0.12
N GLY B 337 19.31 6.47 -0.48
CA GLY B 337 20.60 6.71 0.14
C GLY B 337 21.73 6.12 -0.66
N VAL B 338 22.94 6.59 -0.35
CA VAL B 338 24.16 6.19 -1.05
C VAL B 338 25.21 5.86 -0.01
N THR B 339 25.97 4.79 -0.26
CA THR B 339 26.98 4.36 0.70
C THR B 339 28.12 5.35 0.79
N ASP B 340 28.84 5.29 1.90
CA ASP B 340 29.98 6.19 2.09
C ASP B 340 31.07 5.93 1.05
N ASP B 341 31.30 4.66 0.71
CA ASP B 341 32.26 4.33 -0.32
C ASP B 341 31.70 4.50 -1.73
N GLY B 342 30.42 4.82 -1.85
CA GLY B 342 29.82 5.04 -3.16
C GLY B 342 29.62 3.79 -3.98
N MET B 343 29.60 2.63 -3.34
CA MET B 343 29.51 1.37 -4.09
C MET B 343 28.10 1.13 -4.61
N ALA B 344 27.07 1.41 -3.81
CA ALA B 344 25.71 1.09 -4.20
C ALA B 344 24.75 2.13 -3.64
N VAL B 345 23.54 2.13 -4.18
CA VAL B 345 22.46 3.02 -3.75
C VAL B 345 21.26 2.16 -3.38
N ALA B 346 20.65 2.45 -2.24
CA ALA B 346 19.47 1.74 -1.77
C ALA B 346 18.27 2.67 -1.79
N THR B 347 17.11 2.13 -2.19
CA THR B 347 15.89 2.91 -2.26
C THR B 347 14.73 2.09 -1.70
N GLY B 348 14.02 2.67 -0.73
CA GLY B 348 12.80 2.08 -0.22
C GLY B 348 11.58 2.67 -0.91
N SER B 349 10.43 2.07 -0.63
CA SER B 349 9.19 2.50 -1.27
C SER B 349 8.01 2.09 -0.40
N TRP B 350 6.85 2.67 -0.74
CA TRP B 350 5.61 2.41 -0.01
C TRP B 350 5.08 1.00 -0.23
N ASP B 351 5.74 0.17 -1.03
CA ASP B 351 5.38 -1.23 -1.17
C ASP B 351 6.15 -2.13 -0.22
N SER B 352 6.98 -1.57 0.66
CA SER B 352 7.67 -2.32 1.69
C SER B 352 8.83 -3.16 1.17
N PHE B 353 9.49 -2.69 0.12
CA PHE B 353 10.63 -3.42 -0.45
C PHE B 353 11.84 -2.48 -0.56
N LEU B 354 12.96 -2.89 0.01
CA LEU B 354 14.23 -2.24 -0.19
C LEU B 354 14.94 -2.86 -1.39
N LYS B 355 15.83 -2.09 -2.01
CA LYS B 355 16.55 -2.56 -3.20
C LYS B 355 17.90 -1.88 -3.28
N ILE B 356 18.96 -2.67 -3.30
CA ILE B 356 20.30 -2.18 -3.56
C ILE B 356 20.57 -2.31 -5.06
N TRP B 357 21.08 -1.24 -5.66
CA TRP B 357 21.18 -1.15 -7.11
C TRP B 357 22.60 -1.32 -7.63
N ASN B 358 23.54 -0.51 -7.15
CA ASN B 358 24.93 -0.63 -7.59
C ASN B 358 25.07 -0.36 -9.09
N SER C 8 4.29 41.08 18.07
CA SER C 8 3.98 41.87 16.85
C SER C 8 5.12 42.85 16.58
N ILE C 9 5.52 43.62 17.59
CA ILE C 9 6.62 44.62 17.44
C ILE C 9 7.95 43.91 17.70
N ALA C 10 8.02 43.10 18.77
CA ALA C 10 9.25 42.38 19.14
C ALA C 10 9.70 41.49 17.97
N GLN C 11 8.77 40.74 17.37
CA GLN C 11 9.13 39.78 16.29
C GLN C 11 9.55 40.56 15.03
N ALA C 12 9.01 41.76 14.83
CA ALA C 12 9.40 42.61 13.68
C ALA C 12 10.85 43.09 13.89
N ARG C 13 11.19 43.51 15.11
CA ARG C 13 12.59 43.87 15.45
C ARG C 13 13.50 42.66 15.16
N LYS C 14 13.11 41.48 15.65
CA LYS C 14 13.88 40.24 15.42
C LYS C 14 14.13 40.07 13.92
N LEU C 15 13.08 40.13 13.11
CA LEU C 15 13.19 39.97 11.63
C LEU C 15 14.24 40.96 11.10
N VAL C 16 14.09 42.25 11.41
CA VAL C 16 15.02 43.31 10.93
C VAL C 16 16.47 42.92 11.25
N GLU C 17 16.74 42.59 12.52
CA GLU C 17 18.14 42.31 12.97
C GLU C 17 18.69 41.10 12.22
N GLN C 18 17.89 40.03 12.09
CA GLN C 18 18.33 38.81 11.35
C GLN C 18 18.62 39.17 9.90
N LEU C 19 17.71 39.91 9.24
CA LEU C 19 17.93 40.29 7.81
C LEU C 19 19.19 41.13 7.68
N LYS C 20 19.44 42.02 8.65
CA LYS C 20 20.68 42.84 8.68
C LYS C 20 21.90 41.93 8.61
N MET C 21 21.94 40.90 9.47
CA MET C 21 23.11 39.98 9.52
C MET C 21 23.30 39.28 8.18
N GLU C 22 22.20 38.91 7.50
CA GLU C 22 22.26 38.10 6.25
C GLU C 22 22.52 39.01 5.04
N ALA C 23 22.86 40.28 5.28
CA ALA C 23 23.21 41.22 4.19
C ALA C 23 24.67 41.63 4.30
N ASN C 24 25.24 41.51 5.50
CA ASN C 24 26.61 42.04 5.78
C ASN C 24 27.64 40.91 5.65
N ILE C 25 27.38 39.94 4.77
CA ILE C 25 28.35 38.82 4.56
C ILE C 25 29.15 39.08 3.27
N ASP C 26 30.27 38.37 3.10
CA ASP C 26 31.16 38.54 1.93
C ASP C 26 30.88 37.42 0.92
N ARG C 27 30.34 37.77 -0.25
CA ARG C 27 29.97 36.77 -1.28
C ARG C 27 31.00 36.77 -2.41
N ILE C 28 31.23 35.62 -3.03
CA ILE C 28 32.18 35.51 -4.18
C ILE C 28 31.38 35.44 -5.50
N LYS C 29 32.05 35.71 -6.62
CA LYS C 29 31.39 35.71 -7.95
C LYS C 29 31.02 34.27 -8.34
N VAL C 30 29.84 34.07 -8.91
CA VAL C 30 29.35 32.70 -9.24
C VAL C 30 30.40 31.97 -10.08
N SER C 31 31.04 32.66 -11.03
CA SER C 31 32.09 32.03 -11.89
C SER C 31 33.08 31.24 -11.03
N LYS C 32 33.71 31.91 -10.05
CA LYS C 32 34.72 31.25 -9.17
C LYS C 32 34.08 30.04 -8.46
N ALA C 33 32.98 30.28 -7.75
CA ALA C 33 32.26 29.22 -7.02
C ALA C 33 32.01 28.02 -7.93
N ALA C 34 31.48 28.28 -9.13
CA ALA C 34 31.10 27.23 -10.09
C ALA C 34 32.32 26.43 -10.52
N ALA C 35 33.42 27.12 -10.85
CA ALA C 35 34.66 26.46 -11.29
C ALA C 35 35.15 25.48 -10.20
N ASP C 36 35.06 25.89 -8.94
CA ASP C 36 35.54 25.04 -7.80
C ASP C 36 34.71 23.75 -7.74
N LEU C 37 33.39 23.85 -7.89
CA LEU C 37 32.53 22.63 -7.87
C LEU C 37 32.93 21.71 -9.02
N MET C 38 33.16 22.26 -10.21
CA MET C 38 33.53 21.46 -11.40
C MET C 38 34.88 20.78 -11.16
N ALA C 39 35.84 21.50 -10.58
CA ALA C 39 37.19 20.96 -10.30
C ALA C 39 37.10 19.72 -9.38
N TYR C 40 36.34 19.84 -8.28
CA TYR C 40 36.18 18.69 -7.35
C TYR C 40 35.72 17.45 -8.12
N CYS C 41 34.75 17.63 -9.03
CA CYS C 41 34.06 16.47 -9.67
C CYS C 41 34.95 15.82 -10.73
N GLU C 42 36.06 16.47 -11.12
CA GLU C 42 36.94 15.91 -12.17
C GLU C 42 38.31 15.55 -11.57
N ALA C 43 38.47 15.73 -10.26
CA ALA C 43 39.70 15.31 -9.55
C ALA C 43 39.40 14.20 -8.54
N HIS C 44 38.11 13.90 -8.35
CA HIS C 44 37.69 12.72 -7.53
C HIS C 44 36.84 11.78 -8.40
N ALA C 45 36.93 11.91 -9.72
CA ALA C 45 36.04 11.20 -10.66
C ALA C 45 36.42 9.71 -10.72
N LYS C 46 37.70 9.40 -10.55
CA LYS C 46 38.19 8.01 -10.63
C LYS C 46 37.61 7.20 -9.46
N GLU C 47 37.13 7.87 -8.42
CA GLU C 47 36.67 7.18 -7.22
C GLU C 47 35.15 7.06 -7.16
N ASP C 48 34.46 7.21 -8.29
CA ASP C 48 33.01 7.13 -8.31
C ASP C 48 32.56 5.82 -8.93
N PRO C 49 32.35 4.77 -8.13
CA PRO C 49 31.91 3.49 -8.71
C PRO C 49 30.62 3.59 -9.51
N LEU C 50 29.66 4.38 -9.04
CA LEU C 50 28.41 4.50 -9.79
C LEU C 50 28.63 5.17 -11.14
N LEU C 51 29.47 6.20 -11.18
CA LEU C 51 29.74 6.89 -12.44
C LEU C 51 30.48 5.99 -13.41
N THR C 52 31.54 5.35 -12.92
CA THR C 52 32.46 4.54 -13.76
C THR C 52 32.37 3.06 -13.36
N PRO C 53 31.66 2.21 -14.13
CA PRO C 53 31.34 0.84 -13.69
C PRO C 53 32.55 0.07 -13.16
N VAL C 54 32.35 -0.66 -12.05
CA VAL C 54 33.45 -1.33 -11.29
C VAL C 54 33.60 -2.77 -11.81
N PRO C 55 34.83 -3.28 -12.03
CA PRO C 55 35.07 -4.69 -12.33
C PRO C 55 34.27 -5.66 -11.44
N ALA C 56 33.73 -6.73 -12.05
CA ALA C 56 32.78 -7.64 -11.36
C ALA C 56 33.44 -8.32 -10.17
N SER C 57 34.77 -8.51 -10.21
CA SER C 57 35.52 -9.13 -9.09
C SER C 57 35.53 -8.22 -7.87
N GLU C 58 35.48 -6.90 -8.10
CA GLU C 58 35.60 -5.90 -7.00
C GLU C 58 34.22 -5.39 -6.58
N ASN C 59 33.16 -5.81 -7.29
CA ASN C 59 31.76 -5.46 -6.93
C ASN C 59 31.32 -6.38 -5.78
N PRO C 60 31.16 -5.87 -4.54
CA PRO C 60 30.84 -6.72 -3.40
C PRO C 60 29.35 -7.09 -3.34
N PHE C 61 28.54 -6.47 -4.20
CA PHE C 61 27.06 -6.69 -4.20
C PHE C 61 26.68 -7.61 -5.35
N ARG C 62 27.68 -8.23 -6.01
CA ARG C 62 27.39 -9.28 -7.01
C ARG C 62 28.32 -10.48 -6.75
N GLU C 63 29.60 -10.35 -7.11
CA GLU C 63 30.57 -11.48 -6.96
C GLU C 63 31.73 -11.02 -6.08
N LYS C 64 31.75 -11.44 -4.81
CA LYS C 64 32.87 -11.10 -3.89
C LYS C 64 34.05 -12.04 -4.17
N TYR D 165 -12.08 -34.22 -43.85
CA TYR D 165 -13.16 -34.48 -42.87
C TYR D 165 -12.55 -34.61 -41.47
N GLN D 166 -11.71 -35.62 -41.27
CA GLN D 166 -11.06 -35.83 -39.94
C GLN D 166 -9.99 -34.76 -39.72
N VAL D 167 -9.45 -34.20 -40.81
CA VAL D 167 -8.52 -33.03 -40.70
C VAL D 167 -9.26 -31.89 -39.99
N ILE D 168 -10.46 -31.56 -40.46
CA ILE D 168 -11.28 -30.45 -39.87
C ILE D 168 -11.43 -30.69 -38.36
N THR D 169 -11.98 -31.85 -37.98
CA THR D 169 -12.21 -32.16 -36.54
C THR D 169 -10.89 -31.97 -35.76
N SER D 170 -9.80 -32.55 -36.26
CA SER D 170 -8.49 -32.47 -35.56
C SER D 170 -8.15 -31.00 -35.28
N LEU D 171 -8.19 -30.15 -36.31
CA LEU D 171 -7.84 -28.70 -36.16
C LEU D 171 -8.69 -28.08 -35.06
N LEU D 172 -10.02 -28.24 -35.15
CA LEU D 172 -10.96 -27.55 -34.21
C LEU D 172 -10.69 -28.02 -32.78
N LEU D 173 -10.63 -29.34 -32.55
CA LEU D 173 -10.37 -29.89 -31.19
C LEU D 173 -9.00 -29.42 -30.71
N GLY D 174 -8.02 -29.39 -31.63
CA GLY D 174 -6.66 -28.92 -31.31
C GLY D 174 -6.66 -27.48 -30.81
N THR D 175 -7.52 -26.64 -31.39
CA THR D 175 -7.66 -25.23 -30.94
C THR D 175 -8.21 -25.21 -29.51
N LEU D 176 -9.30 -25.94 -29.24
CA LEU D 176 -9.90 -25.98 -27.88
C LEU D 176 -8.81 -26.33 -26.86
N ILE D 177 -8.09 -27.43 -27.10
CA ILE D 177 -7.06 -27.94 -26.16
C ILE D 177 -5.97 -26.87 -25.98
N PHE D 178 -5.53 -26.25 -27.09
CA PHE D 178 -4.46 -25.21 -27.03
C PHE D 178 -4.91 -24.03 -26.17
N CYS D 179 -6.06 -23.44 -26.53
CA CYS D 179 -6.57 -22.25 -25.81
C CYS D 179 -6.69 -22.56 -24.31
N ALA D 180 -7.15 -23.76 -23.97
CA ALA D 180 -7.34 -24.16 -22.55
C ALA D 180 -5.99 -24.17 -21.83
N VAL D 181 -5.01 -24.89 -22.37
CA VAL D 181 -3.70 -25.07 -21.67
C VAL D 181 -3.02 -23.70 -21.54
N LEU D 182 -3.31 -22.77 -22.45
CA LEU D 182 -2.74 -21.40 -22.38
C LEU D 182 -3.44 -20.61 -21.28
N GLY D 183 -4.77 -20.48 -21.37
CA GLY D 183 -5.57 -19.69 -20.41
C GLY D 183 -5.29 -20.10 -18.97
N ASN D 184 -5.50 -21.38 -18.65
CA ASN D 184 -5.29 -21.90 -17.28
C ASN D 184 -3.90 -21.50 -16.79
N ALA D 185 -2.87 -21.69 -17.63
CA ALA D 185 -1.46 -21.48 -17.21
C ALA D 185 -1.25 -20.03 -16.77
N CYS D 186 -1.73 -19.07 -17.57
CA CYS D 186 -1.56 -17.62 -17.26
C CYS D 186 -2.11 -17.33 -15.85
N VAL D 187 -3.30 -17.83 -15.54
CA VAL D 187 -3.95 -17.60 -14.21
C VAL D 187 -3.03 -18.16 -13.12
N VAL D 188 -2.59 -19.41 -13.25
CA VAL D 188 -1.69 -20.04 -12.25
C VAL D 188 -0.46 -19.14 -12.04
N ALA D 189 0.12 -18.64 -13.14
CA ALA D 189 1.38 -17.85 -13.08
C ALA D 189 1.14 -16.53 -12.35
N ALA D 190 0.16 -15.74 -12.79
CA ALA D 190 -0.07 -14.38 -12.25
C ALA D 190 -0.05 -14.42 -10.72
N ILE D 191 -0.74 -15.38 -10.12
CA ILE D 191 -0.82 -15.50 -8.62
C ILE D 191 0.60 -15.63 -8.05
N ALA D 192 1.40 -16.55 -8.59
CA ALA D 192 2.77 -16.82 -8.07
C ALA D 192 3.62 -15.55 -8.16
N LEU D 193 3.48 -14.77 -9.23
CA LEU D 193 4.34 -13.56 -9.42
C LEU D 193 3.84 -12.42 -8.54
N GLU D 194 2.70 -11.81 -8.90
CA GLU D 194 2.20 -10.63 -8.15
C GLU D 194 1.76 -11.04 -6.73
N ARG D 195 2.39 -10.46 -5.71
CA ARG D 195 2.02 -10.77 -4.30
C ARG D 195 0.69 -10.07 -3.97
N SER D 196 0.23 -9.20 -4.86
CA SER D 196 -1.12 -8.58 -4.72
C SER D 196 -2.21 -9.67 -4.73
N LEU D 197 -2.01 -10.72 -5.53
CA LEU D 197 -3.08 -11.72 -5.81
C LEU D 197 -2.87 -12.96 -4.95
N GLN D 198 -2.40 -12.79 -3.71
CA GLN D 198 -2.10 -13.98 -2.86
C GLN D 198 -2.97 -13.92 -1.59
N ASN D 199 -4.29 -14.01 -1.76
CA ASN D 199 -5.25 -14.09 -0.63
C ASN D 199 -6.02 -15.40 -0.69
N VAL D 200 -6.75 -15.74 0.37
CA VAL D 200 -7.45 -17.08 0.48
C VAL D 200 -8.36 -17.27 -0.74
N ALA D 201 -9.09 -16.22 -1.13
CA ALA D 201 -10.02 -16.32 -2.28
C ALA D 201 -9.26 -16.70 -3.55
N ASN D 202 -8.18 -15.98 -3.86
CA ASN D 202 -7.47 -16.17 -5.15
C ASN D 202 -6.76 -17.54 -5.15
N TYR D 203 -6.50 -18.12 -3.97
CA TYR D 203 -5.89 -19.46 -3.90
C TYR D 203 -6.86 -20.51 -4.46
N LEU D 204 -8.14 -20.41 -4.11
CA LEU D 204 -9.17 -21.37 -4.58
C LEU D 204 -9.41 -21.18 -6.08
N ILE D 205 -9.37 -19.94 -6.57
CA ILE D 205 -9.51 -19.67 -8.03
C ILE D 205 -8.28 -20.24 -8.77
N GLY D 206 -7.10 -20.10 -8.16
CA GLY D 206 -5.86 -20.66 -8.74
C GLY D 206 -5.86 -22.17 -8.75
N SER D 207 -6.41 -22.81 -7.72
CA SER D 207 -6.46 -24.30 -7.65
C SER D 207 -7.51 -24.84 -8.63
N LEU D 208 -8.51 -24.02 -8.99
CA LEU D 208 -9.44 -24.39 -10.10
C LEU D 208 -8.64 -24.43 -11.40
N ALA D 209 -7.80 -23.42 -11.63
CA ALA D 209 -6.99 -23.35 -12.87
C ALA D 209 -6.04 -24.53 -12.96
N VAL D 210 -5.41 -24.92 -11.84
CA VAL D 210 -4.48 -26.10 -11.83
C VAL D 210 -5.25 -27.36 -12.21
N THR D 211 -6.43 -27.57 -11.61
CA THR D 211 -7.26 -28.77 -11.91
C THR D 211 -7.65 -28.78 -13.39
N ASP D 212 -8.06 -27.63 -13.93
CA ASP D 212 -8.45 -27.53 -15.37
C ASP D 212 -7.22 -27.71 -16.27
N LEU D 213 -6.04 -27.28 -15.81
CA LEU D 213 -4.79 -27.46 -16.61
C LEU D 213 -4.50 -28.96 -16.73
N MET D 214 -4.70 -29.72 -15.65
CA MET D 214 -4.45 -31.18 -15.64
C MET D 214 -5.46 -31.88 -16.54
N VAL D 215 -6.72 -31.41 -16.57
CA VAL D 215 -7.72 -31.93 -17.55
C VAL D 215 -7.18 -31.71 -18.96
N SER D 216 -6.56 -30.56 -19.23
CA SER D 216 -6.25 -30.13 -20.61
C SER D 216 -5.01 -30.86 -21.16
N VAL D 217 -4.18 -31.46 -20.28
CA VAL D 217 -2.89 -32.06 -20.72
C VAL D 217 -2.93 -33.58 -20.59
N LEU D 218 -3.87 -34.11 -19.79
CA LEU D 218 -3.97 -35.58 -19.57
C LEU D 218 -5.25 -36.12 -20.25
N VAL D 219 -6.40 -35.53 -19.94
CA VAL D 219 -7.72 -36.09 -20.38
C VAL D 219 -7.99 -35.68 -21.84
N LEU D 220 -8.01 -34.37 -22.12
CA LEU D 220 -8.48 -33.83 -23.44
C LEU D 220 -7.71 -34.49 -24.61
N PRO D 221 -6.35 -34.47 -24.69
CA PRO D 221 -5.64 -34.96 -25.88
C PRO D 221 -6.01 -36.39 -26.28
N MET D 222 -6.10 -37.31 -25.31
CA MET D 222 -6.40 -38.75 -25.60
C MET D 222 -7.86 -38.89 -26.04
N ALA D 223 -8.76 -38.07 -25.49
CA ALA D 223 -10.19 -38.07 -25.89
C ALA D 223 -10.32 -37.59 -27.34
N ALA D 224 -9.48 -36.64 -27.75
CA ALA D 224 -9.50 -36.13 -29.15
C ALA D 224 -9.06 -37.23 -30.11
N LEU D 225 -8.04 -38.01 -29.75
CA LEU D 225 -7.62 -39.17 -30.56
C LEU D 225 -8.81 -40.12 -30.74
N TYR D 226 -9.47 -40.48 -29.63
CA TYR D 226 -10.61 -41.43 -29.68
C TYR D 226 -11.72 -40.88 -30.58
N GLN D 227 -11.71 -39.58 -30.82
CA GLN D 227 -12.79 -38.92 -31.62
C GLN D 227 -12.39 -38.92 -33.10
N VAL D 228 -11.17 -38.46 -33.40
CA VAL D 228 -10.67 -38.37 -34.81
C VAL D 228 -10.58 -39.79 -35.40
N LEU D 229 -9.82 -40.66 -34.75
CA LEU D 229 -9.54 -42.03 -35.28
C LEU D 229 -10.76 -42.94 -35.05
N ASN D 230 -11.71 -42.51 -34.22
CA ASN D 230 -13.01 -43.22 -34.05
C ASN D 230 -12.75 -44.68 -33.64
N LYS D 231 -11.64 -44.91 -32.92
CA LYS D 231 -11.33 -46.21 -32.27
C LYS D 231 -10.24 -45.99 -31.21
N TRP D 232 -10.15 -46.90 -30.23
CA TRP D 232 -9.12 -46.80 -29.17
C TRP D 232 -7.85 -47.54 -29.60
N THR D 233 -6.81 -46.80 -29.98
CA THR D 233 -5.55 -47.39 -30.48
C THR D 233 -4.40 -47.09 -29.50
N LEU D 234 -4.54 -47.51 -28.24
CA LEU D 234 -3.53 -47.22 -27.20
C LEU D 234 -3.42 -48.41 -26.23
N GLY D 235 -4.41 -49.30 -26.23
CA GLY D 235 -4.31 -50.57 -25.47
C GLY D 235 -5.14 -50.55 -24.19
N GLN D 236 -5.48 -51.75 -23.68
CA GLN D 236 -6.47 -51.91 -22.58
C GLN D 236 -5.95 -51.22 -21.31
N VAL D 237 -4.65 -51.30 -21.04
CA VAL D 237 -4.07 -50.65 -19.82
C VAL D 237 -4.28 -49.14 -19.91
N THR D 238 -3.89 -48.53 -21.05
CA THR D 238 -4.04 -47.07 -21.23
C THR D 238 -5.53 -46.70 -21.11
N CYS D 239 -6.43 -47.58 -21.57
CA CYS D 239 -7.89 -47.30 -21.52
C CYS D 239 -8.31 -47.07 -20.07
N ASP D 240 -7.97 -47.99 -19.17
CA ASP D 240 -8.38 -47.86 -17.74
C ASP D 240 -7.79 -46.58 -17.15
N LEU D 241 -6.53 -46.28 -17.47
CA LEU D 241 -5.89 -45.03 -16.98
C LEU D 241 -6.72 -43.82 -17.41
N PHE D 242 -7.11 -43.76 -18.69
CA PHE D 242 -7.88 -42.60 -19.21
C PHE D 242 -9.19 -42.45 -18.43
N ILE D 243 -9.97 -43.53 -18.32
CA ILE D 243 -11.30 -43.45 -17.63
C ILE D 243 -11.09 -42.94 -16.21
N ALA D 244 -10.10 -43.47 -15.50
CA ALA D 244 -9.87 -43.12 -14.07
C ALA D 244 -9.43 -41.66 -13.95
N LEU D 245 -8.51 -41.21 -14.81
CA LEU D 245 -8.04 -39.80 -14.80
C LEU D 245 -9.22 -38.87 -15.17
N ASP D 246 -10.06 -39.27 -16.12
CA ASP D 246 -11.21 -38.46 -16.62
C ASP D 246 -12.13 -38.18 -15.43
N VAL D 247 -12.52 -39.22 -14.68
CA VAL D 247 -13.50 -39.13 -13.55
C VAL D 247 -12.83 -38.29 -12.43
N LEU D 248 -11.62 -38.66 -12.00
CA LEU D 248 -10.91 -37.97 -10.88
C LEU D 248 -10.80 -36.47 -11.17
N CYS D 249 -10.24 -36.10 -12.32
CA CYS D 249 -9.82 -34.70 -12.58
C CYS D 249 -11.03 -33.80 -12.91
N CYS D 250 -12.18 -34.37 -13.32
CA CYS D 250 -13.40 -33.60 -13.69
C CYS D 250 -14.39 -33.57 -12.50
N THR D 251 -14.35 -34.56 -11.59
CA THR D 251 -15.08 -34.53 -10.29
C THR D 251 -14.50 -33.36 -9.47
N SER D 252 -13.17 -33.25 -9.38
CA SER D 252 -12.47 -32.15 -8.65
C SER D 252 -12.91 -30.79 -9.22
N SER D 253 -12.93 -30.64 -10.54
CA SER D 253 -13.23 -29.34 -11.19
C SER D 253 -14.63 -28.86 -10.81
N ILE D 254 -15.63 -29.75 -10.80
CA ILE D 254 -17.05 -29.37 -10.47
C ILE D 254 -17.11 -29.01 -8.98
N TRP D 255 -16.38 -29.71 -8.10
CA TRP D 255 -16.49 -29.49 -6.63
C TRP D 255 -15.66 -28.27 -6.21
N HIS D 256 -14.69 -27.85 -7.03
CA HIS D 256 -13.93 -26.61 -6.76
C HIS D 256 -14.86 -25.39 -6.81
N LEU D 257 -15.88 -25.46 -7.68
CA LEU D 257 -16.86 -24.35 -7.83
C LEU D 257 -17.72 -24.26 -6.57
N CYS D 258 -17.99 -25.39 -5.91
CA CYS D 258 -18.75 -25.40 -4.62
C CYS D 258 -17.87 -24.87 -3.49
N ALA D 259 -16.56 -25.10 -3.55
CA ALA D 259 -15.62 -24.54 -2.54
C ALA D 259 -15.61 -23.02 -2.64
N ILE D 260 -15.52 -22.48 -3.86
CA ILE D 260 -15.55 -21.00 -4.08
C ILE D 260 -16.88 -20.46 -3.55
N ALA D 261 -18.00 -21.12 -3.83
CA ALA D 261 -19.33 -20.68 -3.37
C ALA D 261 -19.41 -20.69 -1.85
N LEU D 262 -18.84 -21.71 -1.20
CA LEU D 262 -18.94 -21.86 0.27
C LEU D 262 -18.08 -20.79 0.95
N ASP D 263 -16.87 -20.56 0.44
CA ASP D 263 -16.00 -19.46 0.93
C ASP D 263 -16.73 -18.13 0.77
N ARG D 264 -17.38 -17.89 -0.38
CA ARG D 264 -18.06 -16.60 -0.61
C ARG D 264 -19.21 -16.45 0.38
N TYR D 265 -20.02 -17.49 0.56
CA TYR D 265 -21.17 -17.46 1.51
C TYR D 265 -20.70 -17.04 2.90
N TRP D 266 -19.66 -17.69 3.44
CA TRP D 266 -19.25 -17.41 4.84
C TRP D 266 -18.84 -15.93 5.00
N ALA D 267 -18.27 -15.32 3.96
CA ALA D 267 -17.76 -13.94 4.03
C ALA D 267 -18.91 -12.93 4.08
N ILE D 268 -19.99 -13.19 3.33
CA ILE D 268 -21.16 -12.25 3.24
C ILE D 268 -22.01 -12.40 4.51
N THR D 269 -22.08 -13.61 5.08
CA THR D 269 -23.05 -13.89 6.17
C THR D 269 -22.39 -13.75 7.55
N ASP D 270 -21.13 -14.18 7.70
CA ASP D 270 -20.38 -14.00 8.97
C ASP D 270 -19.24 -13.01 8.77
N PRO D 271 -19.39 -11.72 9.12
CA PRO D 271 -18.28 -10.77 9.01
C PRO D 271 -17.18 -11.01 10.05
N ILE D 272 -17.54 -11.50 11.24
CA ILE D 272 -16.57 -11.71 12.35
C ILE D 272 -15.59 -12.80 11.95
N ASP D 273 -16.10 -13.95 11.49
CA ASP D 273 -15.25 -15.08 11.02
C ASP D 273 -14.26 -14.58 9.97
N TYR D 274 -14.76 -13.85 8.96
CA TYR D 274 -13.92 -13.33 7.85
C TYR D 274 -12.67 -12.65 8.42
N VAL D 275 -12.87 -11.73 9.37
CA VAL D 275 -11.73 -10.96 9.97
C VAL D 275 -10.81 -11.93 10.72
N ASN D 276 -11.38 -12.77 11.58
CA ASN D 276 -10.60 -13.52 12.60
C ASN D 276 -10.14 -14.86 12.03
N LYS D 277 -11.07 -15.82 11.91
CA LYS D 277 -10.72 -17.27 11.82
C LYS D 277 -10.68 -17.72 10.36
N ARG D 278 -10.80 -16.79 9.40
CA ARG D 278 -10.60 -17.14 7.97
C ARG D 278 -9.11 -17.25 7.69
N THR D 279 -8.62 -18.48 7.47
CA THR D 279 -7.15 -18.75 7.37
C THR D 279 -6.79 -19.15 5.95
N PRO D 280 -5.51 -19.03 5.49
CA PRO D 280 -5.03 -19.78 4.31
C PRO D 280 -5.01 -21.30 4.52
N ARG D 281 -5.23 -21.75 5.77
CA ARG D 281 -5.37 -23.20 6.05
C ARG D 281 -6.78 -23.66 5.64
N ARG D 282 -7.77 -22.78 5.74
CA ARG D 282 -9.13 -23.07 5.24
C ARG D 282 -9.04 -23.44 3.76
N ALA D 283 -8.33 -22.62 2.97
CA ALA D 283 -8.15 -22.91 1.53
C ALA D 283 -7.64 -24.35 1.36
N ALA D 284 -6.55 -24.71 2.04
CA ALA D 284 -5.94 -26.05 1.91
C ALA D 284 -6.99 -27.13 2.17
N ALA D 285 -7.75 -27.00 3.27
CA ALA D 285 -8.75 -28.03 3.65
C ALA D 285 -9.78 -28.20 2.52
N LEU D 286 -10.32 -27.08 2.01
CA LEU D 286 -11.35 -27.13 0.94
C LEU D 286 -10.76 -27.81 -0.30
N ILE D 287 -9.57 -27.39 -0.75
CA ILE D 287 -8.89 -27.98 -1.94
C ILE D 287 -8.72 -29.48 -1.73
N SER D 288 -8.24 -29.89 -0.55
CA SER D 288 -7.97 -31.34 -0.30
C SER D 288 -9.26 -32.15 -0.40
N LEU D 289 -10.38 -31.60 0.08
CA LEU D 289 -11.67 -32.35 0.08
C LEU D 289 -12.15 -32.57 -1.36
N THR D 290 -11.97 -31.58 -2.24
CA THR D 290 -12.41 -31.73 -3.65
C THR D 290 -11.72 -32.97 -4.26
N TRP D 291 -10.41 -33.10 -4.06
CA TRP D 291 -9.63 -34.23 -4.64
C TRP D 291 -10.00 -35.54 -3.96
N LEU D 292 -10.22 -35.52 -2.64
CA LEU D 292 -10.68 -36.72 -1.90
C LEU D 292 -11.97 -37.24 -2.55
N ILE D 293 -12.99 -36.38 -2.68
CA ILE D 293 -14.30 -36.80 -3.27
C ILE D 293 -14.05 -37.37 -4.68
N GLY D 294 -13.14 -36.75 -5.45
CA GLY D 294 -12.73 -37.29 -6.76
C GLY D 294 -12.33 -38.75 -6.69
N PHE D 295 -11.33 -39.07 -5.86
CA PHE D 295 -10.83 -40.47 -5.75
C PHE D 295 -11.97 -41.43 -5.42
N LEU D 296 -12.88 -41.00 -4.54
CA LEU D 296 -13.95 -41.89 -4.02
C LEU D 296 -14.91 -42.32 -5.15
N ILE D 297 -15.02 -41.54 -6.23
CA ILE D 297 -15.88 -41.87 -7.41
C ILE D 297 -15.05 -42.74 -8.37
N SER D 298 -13.76 -42.43 -8.56
CA SER D 298 -12.93 -43.06 -9.63
C SER D 298 -12.40 -44.42 -9.20
N ILE D 299 -12.08 -44.60 -7.92
CA ILE D 299 -11.48 -45.90 -7.44
C ILE D 299 -12.48 -47.06 -7.61
N PRO D 300 -13.76 -46.98 -7.16
CA PRO D 300 -14.67 -48.14 -7.25
C PRO D 300 -14.65 -48.95 -8.56
N PRO D 301 -14.83 -48.39 -9.78
CA PRO D 301 -14.84 -49.23 -10.99
C PRO D 301 -13.52 -49.99 -11.19
N MET D 302 -12.39 -49.38 -10.85
CA MET D 302 -11.02 -49.90 -11.15
C MET D 302 -10.81 -51.21 -10.36
N LEU D 303 -11.38 -51.31 -9.15
CA LEU D 303 -11.31 -52.50 -8.24
C LEU D 303 -12.72 -52.80 -7.70
N GLY D 304 -13.48 -53.69 -8.36
CA GLY D 304 -14.88 -54.02 -8.04
C GLY D 304 -15.84 -53.40 -9.04
N TRP D 305 -17.16 -53.65 -8.92
CA TRP D 305 -18.20 -52.84 -9.61
C TRP D 305 -17.89 -52.74 -11.11
N ARG D 306 -17.35 -53.81 -11.70
CA ARG D 306 -16.94 -53.76 -13.14
C ARG D 306 -17.32 -55.08 -13.82
N THR D 307 -17.99 -54.99 -14.98
CA THR D 307 -18.43 -56.21 -15.70
C THR D 307 -17.42 -56.55 -16.80
N PRO D 308 -17.13 -57.85 -17.07
CA PRO D 308 -16.23 -58.24 -18.17
C PRO D 308 -16.80 -57.76 -19.52
N GLU D 309 -18.12 -57.65 -19.61
CA GLU D 309 -18.77 -57.19 -20.88
C GLU D 309 -18.32 -55.78 -21.23
N ASP D 310 -18.03 -54.96 -20.21
CA ASP D 310 -17.58 -53.56 -20.45
C ASP D 310 -16.27 -53.57 -21.23
N ARG D 311 -15.35 -54.47 -20.88
CA ARG D 311 -14.02 -54.52 -21.56
C ARG D 311 -13.97 -55.66 -22.58
N SER D 312 -15.14 -56.16 -22.99
CA SER D 312 -15.21 -57.24 -24.01
C SER D 312 -14.57 -56.75 -25.32
N ASP D 313 -14.86 -55.51 -25.73
CA ASP D 313 -14.31 -54.95 -26.99
C ASP D 313 -13.08 -54.08 -26.67
N PRO D 314 -11.86 -54.48 -27.09
CA PRO D 314 -10.67 -53.65 -26.87
C PRO D 314 -10.68 -52.40 -27.76
N ASP D 315 -11.55 -52.37 -28.77
CA ASP D 315 -11.64 -51.21 -29.70
C ASP D 315 -12.45 -50.08 -29.06
N ALA D 316 -12.94 -50.28 -27.83
CA ALA D 316 -13.80 -49.25 -27.18
C ALA D 316 -13.28 -48.92 -25.77
N CYS D 317 -13.40 -47.66 -25.36
CA CYS D 317 -12.99 -47.25 -24.00
C CYS D 317 -14.19 -46.62 -23.28
N THR D 318 -15.07 -47.45 -22.72
CA THR D 318 -16.37 -46.98 -22.16
C THR D 318 -16.39 -47.15 -20.65
N ILE D 319 -17.13 -46.29 -19.93
CA ILE D 319 -17.26 -46.31 -18.44
C ILE D 319 -18.23 -47.45 -18.07
N SER D 320 -18.15 -47.97 -16.85
CA SER D 320 -19.08 -49.02 -16.34
C SER D 320 -20.52 -48.53 -16.44
N LYS D 321 -21.40 -49.34 -17.05
CA LYS D 321 -22.83 -48.96 -17.23
C LYS D 321 -23.67 -49.69 -16.18
N ASP D 322 -23.02 -50.27 -15.16
CA ASP D 322 -23.72 -50.87 -13.99
C ASP D 322 -24.72 -49.84 -13.45
N HIS D 323 -26.00 -50.23 -13.37
CA HIS D 323 -27.07 -49.33 -12.84
C HIS D 323 -26.64 -48.76 -11.48
N GLY D 324 -26.07 -49.61 -10.62
CA GLY D 324 -25.57 -49.17 -9.30
C GLY D 324 -24.58 -48.04 -9.43
N TYR D 325 -23.50 -48.25 -10.19
CA TYR D 325 -22.43 -47.23 -10.35
C TYR D 325 -23.02 -45.97 -11.01
N THR D 326 -23.94 -46.15 -11.97
CA THR D 326 -24.57 -45.01 -12.66
C THR D 326 -25.12 -44.01 -11.62
N ILE D 327 -25.96 -44.50 -10.70
CA ILE D 327 -26.54 -43.61 -9.64
C ILE D 327 -25.40 -43.03 -8.80
N TYR D 328 -24.54 -43.88 -8.24
CA TYR D 328 -23.43 -43.43 -7.36
C TYR D 328 -22.66 -42.28 -8.01
N SER D 329 -22.21 -42.47 -9.26
CA SER D 329 -21.17 -41.65 -9.92
C SER D 329 -21.80 -40.36 -10.47
N THR D 330 -23.05 -40.42 -10.97
CA THR D 330 -23.74 -39.31 -11.67
C THR D 330 -24.24 -38.31 -10.61
N PHE D 331 -24.77 -38.81 -9.48
CA PHE D 331 -25.29 -37.96 -8.38
C PHE D 331 -24.14 -37.31 -7.62
N GLY D 332 -23.10 -38.07 -7.28
CA GLY D 332 -22.02 -37.60 -6.37
C GLY D 332 -20.94 -36.84 -7.12
N ALA D 333 -21.16 -36.51 -8.40
CA ALA D 333 -20.26 -35.72 -9.28
C ALA D 333 -20.94 -34.45 -9.82
N PHE D 334 -22.25 -34.46 -10.05
CA PHE D 334 -22.99 -33.34 -10.71
C PHE D 334 -24.29 -32.96 -9.98
N TYR D 335 -25.14 -33.90 -9.56
CA TYR D 335 -26.48 -33.53 -9.01
C TYR D 335 -26.34 -32.94 -7.60
N ILE D 336 -25.58 -33.59 -6.72
CA ILE D 336 -25.39 -33.07 -5.34
C ILE D 336 -24.64 -31.72 -5.41
N PRO D 337 -23.48 -31.58 -6.09
CA PRO D 337 -22.88 -30.25 -6.32
C PRO D 337 -23.87 -29.19 -6.80
N LEU D 338 -24.71 -29.53 -7.79
CA LEU D 338 -25.70 -28.57 -8.35
C LEU D 338 -26.59 -28.04 -7.21
N LEU D 339 -27.25 -28.93 -6.48
CA LEU D 339 -28.17 -28.51 -5.38
C LEU D 339 -27.41 -27.61 -4.39
N LEU D 340 -26.23 -28.03 -3.95
CA LEU D 340 -25.44 -27.25 -2.97
C LEU D 340 -25.24 -25.82 -3.48
N MET D 341 -24.74 -25.66 -4.71
CA MET D 341 -24.46 -24.30 -5.26
C MET D 341 -25.77 -23.49 -5.35
N LEU D 342 -26.84 -24.10 -5.85
CA LEU D 342 -28.15 -23.40 -5.98
C LEU D 342 -28.57 -22.81 -4.63
N VAL D 343 -28.40 -23.57 -3.55
CA VAL D 343 -28.81 -23.11 -2.19
C VAL D 343 -27.87 -22.01 -1.72
N LEU D 344 -26.55 -22.27 -1.70
CA LEU D 344 -25.55 -21.29 -1.20
C LEU D 344 -25.71 -19.96 -1.96
N TYR D 345 -25.64 -19.99 -3.30
CA TYR D 345 -25.70 -18.76 -4.11
C TYR D 345 -27.08 -18.12 -3.99
N GLY D 346 -28.12 -18.94 -3.76
CA GLY D 346 -29.47 -18.41 -3.47
C GLY D 346 -29.46 -17.52 -2.24
N ARG D 347 -28.80 -17.96 -1.17
CA ARG D 347 -28.74 -17.19 0.10
C ARG D 347 -27.84 -15.96 -0.06
N ILE D 348 -26.78 -16.05 -0.87
CA ILE D 348 -25.92 -14.87 -1.15
C ILE D 348 -26.76 -13.82 -1.88
N PHE D 349 -27.66 -14.24 -2.77
CA PHE D 349 -28.55 -13.28 -3.48
C PHE D 349 -29.46 -12.58 -2.47
N ARG D 350 -30.11 -13.35 -1.59
CA ARG D 350 -30.97 -12.78 -0.52
C ARG D 350 -30.18 -11.73 0.28
N ALA D 351 -28.99 -12.10 0.77
CA ALA D 351 -28.16 -11.20 1.60
C ALA D 351 -27.79 -9.94 0.81
N ALA D 352 -27.39 -10.11 -0.45
CA ALA D 352 -27.02 -8.94 -1.30
C ALA D 352 -28.18 -7.96 -1.35
N ARG D 353 -29.37 -8.43 -1.72
CA ARG D 353 -30.55 -7.55 -1.84
C ARG D 353 -30.75 -6.77 -0.55
N PHE D 354 -30.70 -7.44 0.61
CA PHE D 354 -30.90 -6.77 1.91
C PHE D 354 -29.95 -5.57 2.05
N ARG D 355 -28.64 -5.79 1.91
CA ARG D 355 -27.64 -4.69 2.01
C ARG D 355 -27.94 -3.60 0.97
N ILE D 356 -28.16 -3.98 -0.29
CA ILE D 356 -28.40 -2.99 -1.38
C ILE D 356 -29.57 -2.08 -0.98
N ARG D 357 -30.66 -2.66 -0.48
CA ARG D 357 -31.88 -1.88 -0.14
C ARG D 357 -31.60 -0.99 1.07
N LYS D 358 -31.11 -1.56 2.18
CA LYS D 358 -30.87 -0.78 3.42
C LYS D 358 -29.75 0.24 3.17
N LYS D 454 -30.48 20.42 -4.46
CA LYS D 454 -29.03 20.08 -4.40
C LYS D 454 -28.85 18.75 -3.64
N ASN D 455 -29.59 18.59 -2.54
CA ASN D 455 -29.55 17.31 -1.76
C ASN D 455 -30.55 16.33 -2.37
N GLU D 456 -31.59 16.86 -3.06
CA GLU D 456 -32.55 16.01 -3.80
C GLU D 456 -31.87 15.38 -5.01
N ARG D 457 -30.93 16.10 -5.62
CA ARG D 457 -30.08 15.51 -6.70
C ARG D 457 -29.33 14.31 -6.14
N ASN D 458 -28.70 14.47 -4.97
CA ASN D 458 -28.03 13.33 -4.28
C ASN D 458 -29.05 12.21 -4.03
N ALA D 459 -30.24 12.56 -3.54
CA ALA D 459 -31.26 11.54 -3.17
C ALA D 459 -31.58 10.66 -4.37
N GLU D 460 -31.75 11.24 -5.56
CA GLU D 460 -32.15 10.44 -6.75
C GLU D 460 -30.95 9.67 -7.29
N ALA D 461 -29.74 10.19 -7.08
CA ALA D 461 -28.50 9.43 -7.42
C ALA D 461 -28.45 8.16 -6.57
N LYS D 462 -28.85 8.25 -5.30
CA LYS D 462 -28.87 7.07 -4.40
C LYS D 462 -29.89 6.05 -4.93
N ARG D 463 -31.10 6.50 -5.27
CA ARG D 463 -32.19 5.58 -5.70
C ARG D 463 -31.80 4.93 -7.04
N LYS D 464 -30.96 5.60 -7.83
CA LYS D 464 -30.52 5.06 -9.14
C LYS D 464 -29.40 4.04 -8.93
N MET D 465 -28.46 4.33 -8.03
CA MET D 465 -27.35 3.39 -7.73
C MET D 465 -27.94 2.07 -7.22
N ALA D 466 -28.98 2.13 -6.40
CA ALA D 466 -29.64 0.91 -5.87
C ALA D 466 -30.15 0.05 -7.04
N LEU D 467 -30.83 0.67 -8.00
CA LEU D 467 -31.40 -0.06 -9.16
C LEU D 467 -30.27 -0.69 -9.99
N ALA D 468 -29.17 0.04 -10.20
CA ALA D 468 -28.04 -0.49 -10.99
C ALA D 468 -27.39 -1.67 -10.26
N ARG D 469 -27.24 -1.57 -8.94
CA ARG D 469 -26.59 -2.66 -8.16
C ARG D 469 -27.50 -3.89 -8.17
N GLU D 470 -28.81 -3.71 -8.08
CA GLU D 470 -29.77 -4.84 -8.18
C GLU D 470 -29.55 -5.57 -9.51
N ARG D 471 -29.35 -4.83 -10.60
CA ARG D 471 -29.14 -5.45 -11.92
C ARG D 471 -27.81 -6.22 -11.93
N LYS D 472 -26.78 -5.68 -11.29
CA LYS D 472 -25.44 -6.33 -11.27
C LYS D 472 -25.53 -7.67 -10.53
N THR D 473 -26.23 -7.71 -9.40
CA THR D 473 -26.30 -8.96 -8.57
C THR D 473 -27.12 -10.04 -9.32
N VAL D 474 -27.95 -9.65 -10.30
CA VAL D 474 -28.67 -10.66 -11.12
C VAL D 474 -27.72 -11.15 -12.22
N LYS D 475 -27.10 -10.23 -12.95
CA LYS D 475 -26.19 -10.60 -14.08
C LYS D 475 -25.12 -11.58 -13.59
N THR D 476 -24.38 -11.22 -12.54
CA THR D 476 -23.19 -12.01 -12.10
C THR D 476 -23.61 -13.45 -11.77
N LEU D 477 -24.65 -13.63 -10.95
CA LEU D 477 -25.12 -15.00 -10.59
C LEU D 477 -25.57 -15.72 -11.86
N GLY D 478 -26.20 -15.02 -12.78
CA GLY D 478 -26.61 -15.61 -14.08
C GLY D 478 -25.43 -16.22 -14.82
N ILE D 479 -24.32 -15.51 -14.93
CA ILE D 479 -23.12 -16.02 -15.66
C ILE D 479 -22.56 -17.24 -14.91
N ILE D 480 -22.43 -17.17 -13.59
CA ILE D 480 -21.81 -18.26 -12.77
C ILE D 480 -22.67 -19.53 -12.89
N MET D 481 -23.90 -19.50 -12.40
CA MET D 481 -24.77 -20.71 -12.41
C MET D 481 -25.06 -21.12 -13.86
N GLY D 482 -25.27 -20.15 -14.75
CA GLY D 482 -25.65 -20.44 -16.16
C GLY D 482 -24.61 -21.26 -16.88
N THR D 483 -23.36 -20.79 -16.92
CA THR D 483 -22.25 -21.53 -17.56
C THR D 483 -22.23 -22.99 -17.06
N PHE D 484 -22.17 -23.19 -15.74
CA PHE D 484 -22.11 -24.53 -15.12
C PHE D 484 -23.24 -25.42 -15.66
N ILE D 485 -24.47 -24.92 -15.65
CA ILE D 485 -25.66 -25.76 -16.02
C ILE D 485 -25.62 -26.06 -17.52
N LEU D 486 -25.49 -25.04 -18.37
CA LEU D 486 -25.63 -25.28 -19.85
C LEU D 486 -24.44 -26.09 -20.38
N CYS D 487 -23.34 -26.19 -19.62
CA CYS D 487 -22.17 -26.99 -20.07
C CYS D 487 -22.30 -28.46 -19.64
N TRP D 488 -22.53 -28.76 -18.36
CA TRP D 488 -22.41 -30.14 -17.83
C TRP D 488 -23.79 -30.82 -17.74
N LEU D 489 -24.90 -30.07 -17.68
CA LEU D 489 -26.23 -30.72 -17.50
C LEU D 489 -26.63 -31.50 -18.77
N PRO D 490 -26.57 -30.95 -20.01
CA PRO D 490 -26.88 -31.75 -21.19
C PRO D 490 -26.24 -33.15 -21.16
N PHE D 491 -25.02 -33.27 -20.61
CA PHE D 491 -24.24 -34.54 -20.61
C PHE D 491 -24.87 -35.52 -19.61
N PHE D 492 -25.19 -35.04 -18.40
CA PHE D 492 -25.45 -35.89 -17.20
C PHE D 492 -26.92 -36.36 -17.21
N ILE D 493 -27.83 -35.67 -17.90
CA ILE D 493 -29.20 -36.23 -18.15
C ILE D 493 -29.05 -37.51 -18.96
N VAL D 494 -28.38 -37.44 -20.11
CA VAL D 494 -28.18 -38.61 -21.01
C VAL D 494 -27.51 -39.75 -20.22
N ALA D 495 -26.52 -39.42 -19.38
CA ALA D 495 -25.65 -40.40 -18.69
C ALA D 495 -26.37 -40.98 -17.45
N LEU D 496 -27.63 -40.60 -17.19
CA LEU D 496 -28.45 -41.23 -16.14
C LEU D 496 -29.56 -42.05 -16.79
N VAL D 497 -30.21 -41.48 -17.81
CA VAL D 497 -31.34 -42.15 -18.52
C VAL D 497 -30.82 -43.35 -19.30
N LEU D 498 -29.89 -43.13 -20.25
CA LEU D 498 -29.54 -44.15 -21.28
C LEU D 498 -29.17 -45.49 -20.63
N PRO D 499 -28.22 -45.59 -19.67
CA PRO D 499 -27.88 -46.88 -19.06
C PRO D 499 -29.11 -47.68 -18.60
N PHE D 500 -30.09 -47.00 -17.99
CA PHE D 500 -31.29 -47.68 -17.43
C PHE D 500 -32.25 -48.08 -18.55
N CYS D 501 -32.36 -47.25 -19.60
CA CYS D 501 -33.29 -47.52 -20.73
C CYS D 501 -32.49 -48.07 -21.91
N GLU D 502 -32.03 -49.32 -21.80
CA GLU D 502 -31.05 -49.90 -22.76
C GLU D 502 -31.64 -49.89 -24.18
N SER D 503 -32.73 -50.63 -24.38
CA SER D 503 -33.37 -50.75 -25.71
C SER D 503 -34.16 -49.48 -26.05
N SER D 504 -34.43 -49.27 -27.34
CA SER D 504 -35.27 -48.15 -27.85
C SER D 504 -34.81 -46.81 -27.26
N CYS D 505 -33.50 -46.55 -27.31
CA CYS D 505 -32.94 -45.24 -26.89
C CYS D 505 -31.63 -44.98 -27.65
N HIS D 506 -31.67 -45.14 -28.98
CA HIS D 506 -30.46 -44.88 -29.81
C HIS D 506 -30.12 -43.40 -29.78
N MET D 507 -28.98 -43.02 -29.18
CA MET D 507 -28.35 -41.68 -29.32
C MET D 507 -27.76 -41.57 -30.74
N PRO D 508 -28.06 -40.53 -31.55
CA PRO D 508 -27.26 -40.24 -32.75
C PRO D 508 -25.78 -40.11 -32.33
N THR D 509 -24.84 -40.68 -33.07
CA THR D 509 -23.39 -40.54 -32.81
C THR D 509 -23.02 -39.06 -32.67
N LEU D 510 -23.55 -38.22 -33.56
CA LEU D 510 -23.24 -36.76 -33.58
C LEU D 510 -23.61 -36.14 -32.23
N LEU D 511 -24.88 -36.27 -31.82
CA LEU D 511 -25.35 -35.68 -30.54
C LEU D 511 -24.39 -36.05 -29.41
N GLY D 512 -24.08 -37.35 -29.27
CA GLY D 512 -23.14 -37.84 -28.25
C GLY D 512 -21.88 -37.01 -28.20
N ALA D 513 -21.20 -36.88 -29.34
CA ALA D 513 -19.91 -36.14 -29.39
C ALA D 513 -20.13 -34.69 -28.94
N ILE D 514 -21.17 -34.03 -29.46
CA ILE D 514 -21.40 -32.59 -29.17
C ILE D 514 -21.52 -32.39 -27.65
N ILE D 515 -22.36 -33.19 -26.98
CA ILE D 515 -22.68 -32.94 -25.54
C ILE D 515 -21.43 -33.22 -24.69
N ASN D 516 -20.63 -34.23 -25.06
CA ASN D 516 -19.39 -34.60 -24.32
C ASN D 516 -18.42 -33.41 -24.37
N TRP D 517 -18.23 -32.80 -25.55
CA TRP D 517 -17.19 -31.76 -25.75
C TRP D 517 -17.71 -30.38 -25.32
N LEU D 518 -19.03 -30.20 -25.30
CA LEU D 518 -19.65 -29.00 -24.67
C LEU D 518 -19.29 -29.02 -23.18
N GLY D 519 -19.28 -30.21 -22.57
CA GLY D 519 -18.85 -30.36 -21.16
C GLY D 519 -17.38 -30.01 -20.99
N TYR D 520 -16.50 -30.63 -21.79
CA TYR D 520 -15.02 -30.48 -21.74
C TYR D 520 -14.64 -29.03 -22.03
N SER D 521 -15.59 -28.16 -22.39
CA SER D 521 -15.30 -26.74 -22.75
C SER D 521 -15.52 -25.83 -21.55
N ASN D 522 -15.97 -26.39 -20.42
CA ASN D 522 -16.09 -25.64 -19.14
C ASN D 522 -14.69 -25.39 -18.59
N SER D 523 -13.69 -26.14 -19.05
CA SER D 523 -12.29 -25.96 -18.59
C SER D 523 -11.61 -24.83 -19.38
N LEU D 524 -12.35 -24.19 -20.28
CA LEU D 524 -11.86 -23.01 -21.04
C LEU D 524 -12.65 -21.77 -20.56
N LEU D 525 -13.84 -21.97 -20.02
CA LEU D 525 -14.72 -20.86 -19.59
C LEU D 525 -14.51 -20.57 -18.10
N ASN D 526 -14.12 -21.57 -17.31
CA ASN D 526 -13.88 -21.39 -15.85
C ASN D 526 -12.76 -20.37 -15.62
N PRO D 527 -11.58 -20.41 -16.30
CA PRO D 527 -10.61 -19.33 -16.24
C PRO D 527 -11.22 -17.94 -16.51
N VAL D 528 -12.06 -17.82 -17.54
CA VAL D 528 -12.64 -16.50 -17.96
C VAL D 528 -13.57 -15.99 -16.84
N ILE D 529 -14.60 -16.75 -16.49
CA ILE D 529 -15.67 -16.27 -15.56
C ILE D 529 -15.04 -15.84 -14.23
N TYR D 530 -14.15 -16.67 -13.66
CA TYR D 530 -13.68 -16.42 -12.28
C TYR D 530 -12.44 -15.52 -12.20
N ALA D 531 -11.50 -15.61 -13.15
CA ALA D 531 -10.24 -14.83 -13.02
C ALA D 531 -10.17 -13.67 -14.01
N TYR D 532 -10.25 -13.93 -15.32
CA TYR D 532 -10.06 -12.87 -16.35
C TYR D 532 -11.10 -11.73 -16.23
N PHE D 533 -12.15 -11.92 -15.46
CA PHE D 533 -13.23 -10.88 -15.39
C PHE D 533 -12.98 -9.95 -14.19
N ASN D 534 -12.39 -10.47 -13.11
CA ASN D 534 -12.25 -9.64 -11.89
C ASN D 534 -11.16 -8.58 -12.11
N LYS D 535 -11.27 -7.45 -11.43
CA LYS D 535 -10.38 -6.27 -11.66
C LYS D 535 -8.94 -6.65 -11.31
N ASP D 536 -8.73 -7.25 -10.13
CA ASP D 536 -7.36 -7.47 -9.59
C ASP D 536 -6.51 -8.25 -10.62
N PHE D 537 -7.03 -9.36 -11.15
CA PHE D 537 -6.26 -10.16 -12.13
C PHE D 537 -5.98 -9.31 -13.38
N GLN D 538 -7.00 -8.69 -13.95
CA GLN D 538 -6.83 -7.83 -15.15
C GLN D 538 -5.65 -6.87 -14.93
N ASN D 539 -5.64 -6.16 -13.79
CA ASN D 539 -4.61 -5.14 -13.49
C ASN D 539 -3.22 -5.79 -13.45
N ALA D 540 -3.11 -6.93 -12.78
CA ALA D 540 -1.81 -7.65 -12.69
C ALA D 540 -1.32 -8.03 -14.08
N PHE D 541 -2.19 -8.52 -14.95
CA PHE D 541 -1.79 -8.92 -16.32
C PHE D 541 -1.25 -7.69 -17.07
N LYS D 542 -1.87 -6.52 -16.87
CA LYS D 542 -1.38 -5.27 -17.51
C LYS D 542 0.02 -4.93 -16.99
N LYS D 543 0.27 -5.14 -15.69
CA LYS D 543 1.61 -4.88 -15.09
C LYS D 543 2.63 -5.84 -15.71
N ILE D 544 2.33 -7.13 -15.76
CA ILE D 544 3.29 -8.14 -16.32
C ILE D 544 3.51 -7.82 -17.81
N ILE D 545 2.46 -7.92 -18.63
CA ILE D 545 2.58 -7.66 -20.09
C ILE D 545 2.00 -6.28 -20.40
C8 A1BIR E . -19.88 -39.94 -13.74
C5 A1BIR E . -17.97 -39.14 -15.61
C6 A1BIR E . -17.85 -38.81 -14.27
C2 A1BIR E . -16.48 -37.06 -16.58
C4 A1BIR E . -17.33 -38.81 -18.06
N A1BIR E . -16.52 -37.82 -18.75
C A1BIR E . -16.80 -37.71 -20.20
O A1BIR E . -16.80 -37.99 -13.86
CL A1BIR E . -21.36 -41.25 -15.57
C1 A1BIR E . -16.70 -36.57 -18.02
C3 A1BIR E . -16.96 -38.58 -16.59
C7 A1BIR E . -18.79 -39.20 -13.32
C9 A1BIR E . -19.99 -40.30 -15.06
C10 A1BIR E . -19.06 -39.92 -16.00
C11 A1BIR E . -17.02 -36.65 -14.15
C12 A1BIR E . -17.29 -35.81 -13.08
C13 A1BIR E . -17.60 -34.49 -13.32
C14 A1BIR E . -17.62 -33.99 -14.61
C15 A1BIR E . -17.31 -34.83 -15.67
C16 A1BIR E . -16.99 -36.17 -15.46
C1 CLR F . -18.85 -33.27 -32.80
C2 CLR F . -18.88 -34.57 -33.63
C3 CLR F . -18.47 -34.30 -35.06
C4 CLR F . -17.08 -33.69 -35.08
C5 CLR F . -17.02 -32.41 -34.25
C6 CLR F . -16.60 -31.28 -34.78
C7 CLR F . -16.33 -30.01 -34.02
C8 CLR F . -16.47 -30.18 -32.50
C9 CLR F . -17.65 -31.11 -32.18
C10 CLR F . -17.48 -32.54 -32.79
C11 CLR F . -17.96 -31.13 -30.66
C12 CLR F . -18.14 -29.72 -30.06
C13 CLR F . -16.91 -28.84 -30.30
C14 CLR F . -16.70 -28.81 -31.84
C15 CLR F . -15.66 -27.71 -32.06
C16 CLR F . -16.04 -26.64 -30.99
C17 CLR F . -17.08 -27.30 -30.02
C18 CLR F . -15.67 -29.38 -29.55
C19 CLR F . -16.43 -33.38 -32.03
C20 CLR F . -16.97 -26.76 -28.57
C21 CLR F . -17.90 -27.48 -27.58
C22 CLR F . -17.23 -25.23 -28.52
C23 CLR F . -16.61 -24.51 -27.32
C24 CLR F . -16.84 -22.99 -27.32
C25 CLR F . -15.93 -22.18 -26.35
C26 CLR F . -16.16 -22.59 -24.88
C27 CLR F . -16.15 -20.66 -26.52
O1 CLR F . -18.51 -35.52 -35.82
C1 CLR G . -27.99 -11.15 -18.69
C2 CLR G . -28.54 -9.94 -17.92
C3 CLR G . -30.05 -10.01 -17.76
C4 CLR G . -30.42 -11.31 -17.06
C5 CLR G . -29.87 -12.52 -17.81
C6 CLR G . -30.67 -13.48 -18.24
C7 CLR G . -30.22 -14.81 -18.78
C8 CLR G . -28.70 -15.00 -18.69
C9 CLR G . -27.98 -13.68 -19.04
C10 CLR G . -28.36 -12.53 -18.05
C11 CLR G . -26.45 -13.89 -19.20
C12 CLR G . -26.08 -15.06 -20.13
C13 CLR G . -26.72 -16.38 -19.67
C14 CLR G . -28.25 -16.11 -19.65
C15 CLR G . -28.86 -17.50 -19.49
C16 CLR G . -28.01 -18.36 -20.45
C17 CLR G . -26.67 -17.58 -20.69
C18 CLR G . -26.18 -16.79 -18.29
C19 CLR G . -27.65 -12.68 -16.69
C20 CLR G . -25.46 -18.53 -20.83
C21 CLR G . -25.13 -19.37 -19.57
C22 CLR G . -24.19 -17.77 -21.29
C23 CLR G . -22.91 -18.63 -21.48
C24 CLR G . -23.09 -19.82 -22.45
C25 CLR G . -21.90 -20.81 -22.53
C26 CLR G . -22.09 -21.80 -23.70
C27 CLR G . -21.72 -21.57 -21.21
O1 CLR G . -30.54 -8.88 -17.04
C1 CLR H . -15.88 -11.58 -23.33
C2 CLR H . -16.40 -10.51 -24.32
C3 CLR H . -17.85 -10.13 -24.02
C4 CLR H . -18.61 -11.38 -23.55
C5 CLR H . -17.97 -12.64 -24.10
C6 CLR H . -18.58 -13.39 -25.00
C7 CLR H . -17.84 -14.28 -25.96
C8 CLR H . -16.62 -14.91 -25.29
C9 CLR H . -15.76 -13.82 -24.61
C10 CLR H . -16.57 -12.96 -23.56
C11 CLR H . -14.43 -14.41 -24.07
C12 CLR H . -13.65 -15.24 -25.11
C13 CLR H . -14.50 -16.38 -25.71
C14 CLR H . -15.77 -15.68 -26.29
C15 CLR H . -16.42 -16.79 -27.13
C16 CLR H . -15.20 -17.41 -27.86
C17 CLR H . -13.92 -17.09 -27.00
C18 CLR H . -14.84 -17.43 -24.62
C19 CLR H . -16.75 -13.72 -22.22
C20 CLR H . -12.97 -18.31 -26.88
C21 CLR H . -11.75 -18.04 -25.97
C22 CLR H . -12.48 -18.81 -28.27
C23 CLR H . -12.20 -20.36 -28.37
C24 CLR H . -13.20 -21.13 -29.28
C25 CLR H . -13.13 -22.70 -29.22
C26 CLR H . -11.74 -23.22 -29.68
C27 CLR H . -14.25 -23.35 -30.09
O1 CLR H . -17.94 -9.08 -23.03
O12 J40 I . -17.07 -6.59 -15.57
P1 J40 I . -18.25 -7.48 -15.75
O13 J40 I . -18.01 -8.88 -16.54
O11 J40 I . -19.37 -6.82 -16.54
O6 J40 I . -20.22 -10.34 -14.38
O1 J40 I . -19.06 -7.80 -14.36
C1 J40 I . -18.73 -8.76 -13.34
C6 J40 I . -18.90 -10.18 -13.87
C2 J40 I . -17.32 -8.56 -12.81
O2 J40 I . -16.34 -8.89 -13.79
C3 J40 I . -17.15 -9.48 -11.61
O3 J40 I . -15.87 -9.27 -11.02
C4 J40 I . -17.31 -10.93 -12.04
O4 J40 I . -17.27 -11.76 -10.86
P4 J40 I . -15.96 -12.66 -10.59
O41 J40 I . -16.53 -14.07 -10.76
O42 J40 I . -15.36 -12.44 -9.25
O43 J40 I . -14.98 -12.39 -11.72
C5 J40 I . -18.65 -11.18 -12.75
O5 J40 I . -18.64 -12.50 -13.28
C7 J40 I . -17.05 -8.83 -17.61
C8 J40 I . -17.71 -8.19 -18.80
C9 J40 I . -16.72 -7.47 -19.69
O16 J40 I . -18.34 -9.24 -19.58
C10 J40 I . -19.69 -9.31 -19.57
O17 J40 I . -20.39 -8.55 -18.97
O18 J40 I . -15.54 -8.29 -19.89
C11 J40 I . -14.93 -8.24 -21.07
O19 J40 I . -15.31 -7.56 -22.00
C12 J40 I . -20.18 -10.44 -20.40
C13 J40 I . -19.97 -11.82 -19.78
C14 J40 I . -20.46 -12.98 -20.64
C15 J40 I . -21.70 -12.67 -21.41
C16 J40 I . -22.90 -12.47 -20.89
C17 J40 I . -24.14 -12.12 -21.65
C18 J40 I . -24.74 -10.86 -21.11
C31 J40 I . -13.73 -9.13 -21.10
C32 J40 I . -13.19 -9.39 -22.49
C33 J40 I . -12.18 -10.52 -22.53
C34 J40 I . -12.54 -11.71 -21.65
C35 J40 I . -11.33 -12.38 -21.02
C36 J40 I . -10.25 -12.74 -22.01
C37 J40 I . -10.72 -13.63 -23.15
C38 J40 I . -10.52 -15.10 -22.89
C39 J40 I . -9.78 -15.82 -23.99
C40 J40 I . -9.31 -17.22 -23.60
C41 J40 I . -8.04 -17.22 -22.78
#